data_1CW5
#
_entry.id   1CW5
#
_cell.length_a   1.000
_cell.length_b   1.000
_cell.length_c   1.000
_cell.angle_alpha   90.00
_cell.angle_beta   90.00
_cell.angle_gamma   90.00
#
_symmetry.space_group_name_H-M   'P 1'
#
_entity_poly.entity_id   1
_entity_poly.type   'polypeptide(L)'
_entity_poly.pdbx_seq_one_letter_code
;VNYGNGVSCSKTKCSVNWGQAFQERYTAGINSFVSGVASGAGSIGRRP
;
_entity_poly.pdbx_strand_id   A
#
# COMPACT_ATOMS: atom_id res chain seq x y z
N VAL A 1 -29.15 18.04 -11.16
CA VAL A 1 -28.52 17.49 -12.35
C VAL A 1 -27.40 16.54 -11.95
N ASN A 2 -26.21 16.77 -12.49
CA ASN A 2 -25.05 15.94 -12.20
C ASN A 2 -25.40 14.44 -12.25
N TYR A 3 -26.19 14.07 -13.25
CA TYR A 3 -26.62 12.67 -13.41
C TYR A 3 -25.51 11.85 -14.08
N GLY A 4 -24.83 11.01 -13.30
CA GLY A 4 -23.77 10.19 -13.86
C GLY A 4 -23.43 8.99 -13.00
N ASN A 5 -22.82 9.23 -11.85
CA ASN A 5 -22.44 8.17 -10.93
C ASN A 5 -22.15 8.71 -9.55
N GLY A 6 -22.81 9.82 -9.19
CA GLY A 6 -22.62 10.43 -7.89
C GLY A 6 -23.91 10.56 -7.09
N VAL A 7 -25.04 10.42 -7.77
CA VAL A 7 -26.34 10.51 -7.13
C VAL A 7 -26.77 9.15 -6.59
N SER A 8 -26.36 8.09 -7.28
CA SER A 8 -26.69 6.72 -6.88
C SER A 8 -25.47 6.04 -6.26
N CYS A 9 -25.30 6.18 -4.96
CA CYS A 9 -24.17 5.58 -4.26
C CYS A 9 -24.29 4.06 -4.22
N SER A 10 -23.22 3.38 -4.64
CA SER A 10 -23.18 1.92 -4.64
C SER A 10 -23.47 1.37 -3.25
N LYS A 11 -23.97 0.13 -3.22
CA LYS A 11 -24.31 -0.57 -1.98
C LYS A 11 -25.08 0.34 -1.01
N THR A 12 -25.72 -0.29 -0.02
CA THR A 12 -26.50 0.45 0.96
C THR A 12 -25.64 0.84 2.16
N LYS A 13 -24.57 1.60 1.90
CA LYS A 13 -23.67 2.05 2.96
C LYS A 13 -22.88 3.28 2.53
N CYS A 14 -21.71 3.08 1.93
CA CYS A 14 -20.86 4.18 1.49
C CYS A 14 -20.17 4.83 2.68
N SER A 15 -18.94 4.40 2.98
CA SER A 15 -18.20 4.95 4.09
C SER A 15 -16.71 4.63 3.97
N VAL A 16 -16.40 3.37 3.71
CA VAL A 16 -15.00 2.95 3.59
C VAL A 16 -14.88 1.59 2.93
N ASN A 17 -14.24 1.55 1.77
CA ASN A 17 -14.04 0.31 1.02
C ASN A 17 -12.81 -0.44 1.51
N TRP A 18 -12.77 -1.74 1.27
CA TRP A 18 -11.64 -2.56 1.69
C TRP A 18 -10.39 -2.12 0.95
N GLY A 19 -10.59 -1.65 -0.28
CA GLY A 19 -9.47 -1.19 -1.10
C GLY A 19 -8.50 -0.29 -0.34
N GLN A 20 -9.04 0.67 0.40
CA GLN A 20 -8.20 1.59 1.18
C GLN A 20 -7.38 0.83 2.20
N ALA A 21 -8.03 -0.09 2.91
CA ALA A 21 -7.35 -0.89 3.93
C ALA A 21 -6.21 -1.71 3.34
N PHE A 22 -6.54 -2.58 2.38
CA PHE A 22 -5.52 -3.43 1.77
C PHE A 22 -4.30 -2.65 1.32
N GLN A 23 -4.50 -1.43 0.85
CA GLN A 23 -3.39 -0.64 0.33
C GLN A 23 -2.59 -0.01 1.46
N GLU A 24 -3.26 0.32 2.56
CA GLU A 24 -2.60 0.93 3.70
C GLU A 24 -1.83 -0.16 4.46
N ARG A 25 -2.39 -1.36 4.42
CA ARG A 25 -1.82 -2.52 5.08
C ARG A 25 -0.63 -3.08 4.30
N TYR A 26 -0.90 -3.50 3.07
CA TYR A 26 0.11 -4.10 2.19
C TYR A 26 1.24 -3.15 1.85
N THR A 27 0.91 -1.97 1.31
CA THR A 27 1.95 -1.01 0.95
C THR A 27 2.77 -0.63 2.18
N ALA A 28 2.11 -0.55 3.33
CA ALA A 28 2.81 -0.22 4.57
C ALA A 28 3.99 -1.16 4.79
N GLY A 29 3.73 -2.45 4.67
CA GLY A 29 4.78 -3.44 4.86
C GLY A 29 5.65 -3.60 3.63
N ILE A 30 5.04 -3.46 2.46
CA ILE A 30 5.77 -3.59 1.20
C ILE A 30 6.63 -2.37 0.94
N ASN A 31 6.20 -1.22 1.44
CA ASN A 31 6.94 0.03 1.29
C ASN A 31 8.20 0.02 2.15
N SER A 32 8.03 -0.34 3.42
CA SER A 32 9.15 -0.40 4.35
C SER A 32 10.25 -1.30 3.81
N PHE A 33 9.85 -2.47 3.30
CA PHE A 33 10.80 -3.43 2.74
C PHE A 33 11.77 -2.74 1.77
N VAL A 34 11.27 -1.76 1.05
CA VAL A 34 12.08 -1.03 0.08
C VAL A 34 13.12 -0.15 0.76
N SER A 35 12.63 0.79 1.54
CA SER A 35 13.52 1.72 2.26
C SER A 35 14.62 0.95 2.99
N GLY A 36 14.22 0.04 3.88
CA GLY A 36 15.18 -0.75 4.62
C GLY A 36 16.14 -1.47 3.70
N VAL A 37 15.59 -2.29 2.82
CA VAL A 37 16.39 -3.04 1.86
C VAL A 37 17.20 -2.09 0.97
N ALA A 38 16.74 -0.84 0.86
CA ALA A 38 17.42 0.15 0.04
C ALA A 38 18.69 0.65 0.73
N SER A 39 18.70 0.60 2.06
CA SER A 39 19.86 1.05 2.82
C SER A 39 21.01 0.05 2.73
N GLY A 40 20.70 -1.23 2.86
CA GLY A 40 21.72 -2.26 2.79
C GLY A 40 22.22 -2.47 1.37
N ALA A 41 21.29 -2.67 0.44
CA ALA A 41 21.65 -2.88 -0.96
C ALA A 41 20.40 -3.10 -1.81
N GLY A 42 19.80 -2.00 -2.20
CA GLY A 42 18.59 -2.05 -3.02
C GLY A 42 18.87 -1.73 -4.48
N SER A 43 20.09 -1.98 -4.92
CA SER A 43 20.48 -1.70 -6.30
C SER A 43 20.66 -2.99 -7.10
N ILE A 44 19.90 -4.03 -6.73
CA ILE A 44 19.99 -5.31 -7.42
C ILE A 44 19.00 -6.32 -6.83
N GLY A 45 17.71 -6.07 -7.06
CA GLY A 45 16.69 -6.96 -6.57
C GLY A 45 15.28 -6.51 -6.94
N ARG A 46 15.16 -5.90 -8.11
CA ARG A 46 13.86 -5.41 -8.59
C ARG A 46 13.27 -6.38 -9.61
N ARG A 47 13.14 -7.64 -9.20
CA ARG A 47 12.59 -8.67 -10.08
C ARG A 47 11.54 -9.50 -9.34
N PRO A 48 10.26 -9.11 -9.42
CA PRO A 48 9.17 -9.82 -8.75
C PRO A 48 9.12 -11.29 -9.15
N VAL A 1 -10.83 6.57 -14.83
CA VAL A 1 -11.79 7.66 -14.77
C VAL A 1 -13.17 7.15 -15.14
N ASN A 2 -13.26 5.88 -15.55
CA ASN A 2 -14.54 5.29 -15.90
C ASN A 2 -15.36 4.83 -14.70
N TYR A 3 -14.69 4.32 -13.66
CA TYR A 3 -15.36 3.82 -12.47
C TYR A 3 -16.14 2.54 -12.80
N GLY A 4 -15.46 1.39 -12.73
CA GLY A 4 -16.13 0.13 -13.04
C GLY A 4 -15.45 -1.06 -12.39
N ASN A 5 -15.43 -1.06 -11.06
CA ASN A 5 -14.81 -2.16 -10.30
C ASN A 5 -15.27 -2.13 -8.85
N GLY A 6 -14.90 -1.08 -8.13
CA GLY A 6 -15.28 -0.95 -6.73
C GLY A 6 -15.02 0.43 -6.17
N VAL A 7 -13.77 0.89 -6.27
CA VAL A 7 -13.38 2.20 -5.79
C VAL A 7 -13.57 2.33 -4.27
N SER A 8 -14.82 2.25 -3.80
CA SER A 8 -15.11 2.36 -2.38
C SER A 8 -14.41 3.57 -1.76
N CYS A 9 -15.10 4.70 -1.74
CA CYS A 9 -14.53 5.92 -1.17
C CYS A 9 -13.20 6.27 -1.82
N SER A 10 -13.27 7.03 -2.91
CA SER A 10 -12.05 7.45 -3.61
C SER A 10 -11.43 8.65 -2.92
N LYS A 11 -10.84 8.40 -1.75
CA LYS A 11 -10.21 9.45 -0.95
C LYS A 11 -11.17 10.61 -0.68
N THR A 12 -12.41 10.26 -0.35
CA THR A 12 -13.41 11.27 -0.04
C THR A 12 -13.38 11.60 1.45
N LYS A 13 -14.06 10.79 2.26
CA LYS A 13 -14.08 11.00 3.69
C LYS A 13 -14.46 9.72 4.45
N CYS A 14 -13.98 8.58 3.96
CA CYS A 14 -14.27 7.29 4.61
C CYS A 14 -13.24 6.95 5.69
N SER A 15 -13.59 5.98 6.55
CA SER A 15 -12.71 5.56 7.66
C SER A 15 -12.31 4.09 7.58
N VAL A 16 -12.95 3.33 6.70
CA VAL A 16 -12.65 1.92 6.54
C VAL A 16 -13.22 1.39 5.23
N ASN A 17 -12.35 1.29 4.25
CA ASN A 17 -12.70 0.81 2.92
C ASN A 17 -11.66 -0.18 2.41
N TRP A 18 -12.11 -1.25 1.76
CA TRP A 18 -11.20 -2.27 1.24
C TRP A 18 -10.08 -1.64 0.44
N GLY A 19 -10.34 -0.48 -0.15
CA GLY A 19 -9.34 0.21 -0.94
C GLY A 19 -8.15 0.66 -0.12
N GLN A 20 -8.38 1.59 0.80
CA GLN A 20 -7.31 2.13 1.64
C GLN A 20 -6.83 1.10 2.65
N ALA A 21 -7.74 0.25 3.13
CA ALA A 21 -7.39 -0.77 4.10
C ALA A 21 -6.29 -1.66 3.57
N PHE A 22 -6.61 -2.48 2.57
CA PHE A 22 -5.64 -3.39 2.00
C PHE A 22 -4.38 -2.70 1.52
N GLN A 23 -4.49 -1.46 1.02
CA GLN A 23 -3.32 -0.76 0.49
C GLN A 23 -2.46 -0.23 1.64
N GLU A 24 -3.13 0.27 2.67
CA GLU A 24 -2.43 0.80 3.83
C GLU A 24 -1.73 -0.33 4.56
N ARG A 25 -2.31 -1.52 4.45
CA ARG A 25 -1.77 -2.71 5.07
C ARG A 25 -0.62 -3.30 4.26
N TYR A 26 -0.89 -3.58 2.99
CA TYR A 26 0.11 -4.19 2.11
C TYR A 26 1.17 -3.21 1.63
N THR A 27 0.75 -2.11 1.03
CA THR A 27 1.68 -1.10 0.53
C THR A 27 2.61 -0.65 1.65
N ALA A 28 2.09 -0.64 2.88
CA ALA A 28 2.88 -0.24 4.03
C ALA A 28 4.00 -1.23 4.31
N GLY A 29 3.65 -2.51 4.38
CA GLY A 29 4.64 -3.54 4.65
C GLY A 29 5.63 -3.74 3.51
N ILE A 30 5.11 -3.72 2.29
CA ILE A 30 5.95 -3.91 1.10
C ILE A 30 6.85 -2.70 0.87
N ASN A 31 6.28 -1.50 1.02
CA ASN A 31 7.05 -0.27 0.83
C ASN A 31 8.17 -0.19 1.86
N SER A 32 7.87 -0.52 3.11
CA SER A 32 8.86 -0.47 4.17
C SER A 32 10.03 -1.40 3.86
N PHE A 33 9.74 -2.55 3.27
CA PHE A 33 10.77 -3.51 2.91
C PHE A 33 11.79 -2.89 1.96
N VAL A 34 11.30 -2.04 1.08
CA VAL A 34 12.17 -1.39 0.08
C VAL A 34 13.06 -0.35 0.72
N SER A 35 12.45 0.67 1.29
CA SER A 35 13.21 1.74 1.93
C SER A 35 14.29 1.19 2.86
N GLY A 36 13.87 0.37 3.83
CA GLY A 36 14.82 -0.20 4.76
C GLY A 36 15.91 -0.99 4.06
N VAL A 37 15.49 -1.90 3.18
CA VAL A 37 16.43 -2.71 2.43
C VAL A 37 17.28 -1.85 1.50
N ALA A 38 16.76 -0.68 1.14
CA ALA A 38 17.48 0.23 0.26
C ALA A 38 18.52 1.04 1.03
N SER A 39 18.30 1.19 2.34
CA SER A 39 19.22 1.94 3.18
C SER A 39 20.48 1.14 3.49
N GLY A 40 20.29 -0.12 3.91
CA GLY A 40 21.41 -0.96 4.24
C GLY A 40 21.91 -1.78 3.06
N ALA A 41 21.01 -2.08 2.13
CA ALA A 41 21.38 -2.88 0.94
C ALA A 41 21.76 -4.30 1.34
N GLY A 42 20.75 -5.08 1.67
CA GLY A 42 20.96 -6.47 2.07
C GLY A 42 20.38 -7.45 1.07
N SER A 43 20.50 -7.13 -0.22
CA SER A 43 19.98 -8.00 -1.28
C SER A 43 21.11 -8.72 -2.02
N ILE A 44 22.33 -8.64 -1.49
CA ILE A 44 23.48 -9.28 -2.11
C ILE A 44 24.20 -10.22 -1.15
N GLY A 45 23.84 -10.16 0.12
CA GLY A 45 24.47 -11.02 1.11
C GLY A 45 25.70 -10.39 1.72
N ARG A 46 26.33 -9.49 0.95
CA ARG A 46 27.54 -8.79 1.43
C ARG A 46 28.69 -9.78 1.60
N ARG A 47 29.77 -9.56 0.85
CA ARG A 47 30.95 -10.42 0.92
C ARG A 47 32.21 -9.62 0.56
N PRO A 48 33.38 -10.05 1.06
CA PRO A 48 34.65 -9.37 0.79
C PRO A 48 35.15 -9.63 -0.63
N VAL A 1 -28.56 6.72 -25.81
CA VAL A 1 -27.40 5.93 -25.45
C VAL A 1 -26.34 6.82 -24.83
N ASN A 2 -25.24 6.21 -24.38
CA ASN A 2 -24.17 6.96 -23.75
C ASN A 2 -22.86 6.18 -23.74
N TYR A 3 -22.94 4.89 -23.39
CA TYR A 3 -21.77 4.03 -23.33
C TYR A 3 -21.39 3.52 -24.73
N GLY A 4 -22.40 3.25 -25.56
CA GLY A 4 -22.15 2.77 -26.90
C GLY A 4 -21.26 1.54 -26.95
N ASN A 5 -21.79 0.40 -26.51
CA ASN A 5 -21.04 -0.85 -26.52
C ASN A 5 -19.82 -0.75 -25.63
N GLY A 6 -19.98 -0.06 -24.49
CA GLY A 6 -18.88 0.10 -23.56
C GLY A 6 -19.30 -0.12 -22.12
N VAL A 7 -20.24 -1.04 -21.93
CA VAL A 7 -20.73 -1.34 -20.58
C VAL A 7 -19.88 -2.43 -19.94
N SER A 8 -19.12 -2.04 -18.92
CA SER A 8 -18.25 -2.98 -18.21
C SER A 8 -18.11 -2.57 -16.74
N CYS A 9 -18.76 -3.32 -15.86
CA CYS A 9 -18.70 -3.05 -14.43
C CYS A 9 -19.00 -4.32 -13.64
N SER A 10 -17.95 -4.93 -13.08
CA SER A 10 -18.11 -6.16 -12.30
C SER A 10 -16.89 -6.45 -11.43
N LYS A 11 -16.92 -5.98 -10.18
CA LYS A 11 -15.83 -6.19 -9.25
C LYS A 11 -14.64 -5.29 -9.56
N THR A 12 -14.84 -4.36 -10.49
CA THR A 12 -13.78 -3.44 -10.89
C THR A 12 -14.35 -2.12 -11.36
N LYS A 13 -13.53 -1.08 -11.33
CA LYS A 13 -13.93 0.26 -11.73
C LYS A 13 -14.93 0.84 -10.74
N CYS A 14 -16.13 0.28 -10.73
CA CYS A 14 -17.19 0.74 -9.84
C CYS A 14 -16.87 0.37 -8.40
N SER A 15 -16.18 1.27 -7.70
CA SER A 15 -15.81 1.01 -6.31
C SER A 15 -14.87 -0.17 -6.23
N VAL A 16 -14.39 -0.46 -5.02
CA VAL A 16 -13.48 -1.58 -4.82
C VAL A 16 -13.39 -1.96 -3.35
N ASN A 17 -13.93 -3.13 -3.02
CA ASN A 17 -13.91 -3.61 -1.64
C ASN A 17 -12.49 -3.99 -1.21
N TRP A 18 -12.24 -3.90 0.09
CA TRP A 18 -10.93 -4.21 0.65
C TRP A 18 -9.82 -3.50 -0.12
N GLY A 19 -10.15 -2.37 -0.73
CA GLY A 19 -9.17 -1.62 -1.48
C GLY A 19 -8.45 -0.62 -0.60
N GLN A 20 -9.22 0.11 0.19
CA GLN A 20 -8.67 1.11 1.10
C GLN A 20 -7.85 0.47 2.21
N ALA A 21 -8.33 -0.68 2.71
CA ALA A 21 -7.63 -1.40 3.78
C ALA A 21 -6.37 -2.07 3.27
N PHE A 22 -6.51 -2.88 2.23
CA PHE A 22 -5.38 -3.62 1.68
C PHE A 22 -4.23 -2.72 1.26
N GLN A 23 -4.52 -1.48 0.89
CA GLN A 23 -3.46 -0.57 0.45
C GLN A 23 -2.69 -0.03 1.65
N GLU A 24 -3.44 0.34 2.68
CA GLU A 24 -2.84 0.85 3.91
C GLU A 24 -2.06 -0.27 4.59
N ARG A 25 -2.51 -1.49 4.39
CA ARG A 25 -1.90 -2.66 4.96
C ARG A 25 -0.65 -3.09 4.19
N TYR A 26 -0.83 -3.26 2.88
CA TYR A 26 0.25 -3.71 2.00
C TYR A 26 1.27 -2.61 1.70
N THR A 27 0.80 -1.49 1.18
CA THR A 27 1.70 -0.38 0.87
C THR A 27 2.51 0.03 2.08
N ALA A 28 1.96 -0.19 3.27
CA ALA A 28 2.66 0.16 4.50
C ALA A 28 3.84 -0.79 4.75
N GLY A 29 3.58 -2.09 4.70
CA GLY A 29 4.63 -3.06 4.93
C GLY A 29 5.63 -3.14 3.79
N ILE A 30 5.12 -3.14 2.56
CA ILE A 30 5.98 -3.23 1.39
C ILE A 30 6.91 -2.02 1.28
N ASN A 31 6.37 -0.82 1.50
CA ASN A 31 7.18 0.38 1.41
C ASN A 31 8.35 0.31 2.37
N SER A 32 8.08 -0.06 3.62
CA SER A 32 9.13 -0.15 4.63
C SER A 32 10.19 -1.18 4.21
N PHE A 33 9.74 -2.29 3.65
CA PHE A 33 10.65 -3.35 3.20
C PHE A 33 11.67 -2.79 2.20
N VAL A 34 11.22 -1.87 1.35
CA VAL A 34 12.06 -1.24 0.33
C VAL A 34 13.21 -0.46 0.94
N SER A 35 12.88 0.52 1.75
CA SER A 35 13.89 1.35 2.39
C SER A 35 14.97 0.50 3.05
N GLY A 36 14.54 -0.51 3.80
CA GLY A 36 15.49 -1.38 4.48
C GLY A 36 16.45 -2.05 3.51
N VAL A 37 15.92 -2.55 2.40
CA VAL A 37 16.74 -3.21 1.40
C VAL A 37 17.47 -2.20 0.53
N ALA A 38 16.89 -1.00 0.43
CA ALA A 38 17.47 0.07 -0.37
C ALA A 38 18.74 0.63 0.27
N SER A 39 18.85 0.50 1.59
CA SER A 39 20.01 1.00 2.31
C SER A 39 21.30 0.35 1.82
N GLY A 40 21.18 -0.87 1.30
CA GLY A 40 22.36 -1.58 0.80
C GLY A 40 22.25 -1.96 -0.66
N ALA A 41 21.08 -2.49 -1.04
CA ALA A 41 20.84 -2.89 -2.42
C ALA A 41 19.45 -3.47 -2.58
N GLY A 42 18.48 -2.59 -2.75
CA GLY A 42 17.10 -3.00 -2.90
C GLY A 42 16.75 -3.44 -4.32
N SER A 43 17.60 -3.10 -5.28
CA SER A 43 17.34 -3.47 -6.67
C SER A 43 17.44 -4.99 -6.85
N ILE A 44 18.66 -5.49 -6.85
CA ILE A 44 18.90 -6.93 -7.00
C ILE A 44 18.52 -7.42 -8.39
N GLY A 45 18.26 -6.51 -9.31
CA GLY A 45 17.87 -6.89 -10.66
C GLY A 45 16.67 -7.81 -10.68
N ARG A 46 15.95 -7.91 -9.56
CA ARG A 46 14.78 -8.76 -9.47
C ARG A 46 13.50 -7.95 -9.23
N ARG A 47 12.54 -8.10 -10.14
CA ARG A 47 11.26 -7.39 -10.03
C ARG A 47 10.15 -8.16 -10.73
N PRO A 48 9.33 -8.92 -9.96
CA PRO A 48 8.22 -9.69 -10.53
C PRO A 48 7.09 -8.80 -11.02
N VAL A 1 -14.12 -15.62 -12.35
CA VAL A 1 -14.66 -16.18 -11.12
C VAL A 1 -16.09 -16.65 -11.35
N ASN A 2 -16.89 -16.62 -10.29
CA ASN A 2 -18.27 -17.06 -10.36
C ASN A 2 -19.06 -16.48 -9.19
N TYR A 3 -18.61 -15.32 -8.71
CA TYR A 3 -19.24 -14.64 -7.58
C TYR A 3 -20.48 -13.86 -8.03
N GLY A 4 -20.29 -13.02 -9.05
CA GLY A 4 -21.39 -12.22 -9.57
C GLY A 4 -21.54 -10.86 -8.89
N ASN A 5 -20.53 -10.47 -8.12
CA ASN A 5 -20.56 -9.18 -7.41
C ASN A 5 -19.17 -8.76 -6.97
N GLY A 6 -18.18 -9.01 -7.81
CA GLY A 6 -16.81 -8.67 -7.50
C GLY A 6 -15.86 -9.83 -7.75
N VAL A 7 -15.34 -9.90 -8.96
CA VAL A 7 -14.42 -10.97 -9.32
C VAL A 7 -12.99 -10.61 -8.99
N SER A 8 -12.70 -9.32 -8.95
CA SER A 8 -11.35 -8.83 -8.63
C SER A 8 -11.25 -8.48 -7.15
N CYS A 9 -11.20 -9.50 -6.30
CA CYS A 9 -11.09 -9.31 -4.86
C CYS A 9 -10.97 -10.65 -4.15
N SER A 10 -9.99 -10.74 -3.25
CA SER A 10 -9.78 -11.96 -2.50
C SER A 10 -10.82 -12.09 -1.40
N LYS A 11 -12.01 -12.53 -1.78
CA LYS A 11 -13.13 -12.70 -0.86
C LYS A 11 -13.35 -11.47 0.05
N THR A 12 -12.83 -10.33 -0.37
CA THR A 12 -12.97 -9.09 0.39
C THR A 12 -14.20 -8.23 -0.03
N LYS A 13 -14.65 -8.41 -1.27
CA LYS A 13 -15.78 -7.65 -1.82
C LYS A 13 -15.35 -6.25 -2.28
N CYS A 14 -14.10 -5.88 -2.01
CA CYS A 14 -13.60 -4.56 -2.43
C CYS A 14 -14.26 -3.43 -1.64
N SER A 15 -15.54 -3.20 -1.93
CA SER A 15 -16.29 -2.16 -1.24
C SER A 15 -16.27 -2.37 0.27
N VAL A 16 -17.12 -1.64 0.98
CA VAL A 16 -17.21 -1.75 2.44
C VAL A 16 -16.12 -0.94 3.12
N ASN A 17 -14.88 -1.42 3.00
CA ASN A 17 -13.74 -0.75 3.60
C ASN A 17 -12.46 -1.58 3.45
N TRP A 18 -12.62 -2.90 3.49
CA TRP A 18 -11.50 -3.84 3.39
C TRP A 18 -10.45 -3.37 2.37
N GLY A 19 -10.90 -2.72 1.30
CA GLY A 19 -9.98 -2.25 0.27
C GLY A 19 -9.06 -1.14 0.76
N GLN A 20 -9.62 -0.17 1.47
CA GLN A 20 -8.84 0.96 1.97
C GLN A 20 -7.77 0.51 2.95
N ALA A 21 -8.10 -0.48 3.77
CA ALA A 21 -7.16 -1.01 4.76
C ALA A 21 -6.01 -1.73 4.10
N PHE A 22 -6.32 -2.67 3.19
CA PHE A 22 -5.27 -3.44 2.54
C PHE A 22 -4.20 -2.60 1.90
N GLN A 23 -4.59 -1.50 1.24
CA GLN A 23 -3.60 -0.65 0.54
C GLN A 23 -2.66 0.02 1.54
N GLU A 24 -3.21 0.50 2.65
CA GLU A 24 -2.41 1.15 3.67
C GLU A 24 -1.55 0.12 4.39
N ARG A 25 -2.05 -1.11 4.47
CA ARG A 25 -1.35 -2.20 5.13
C ARG A 25 -0.27 -2.80 4.23
N TYR A 26 -0.66 -3.19 3.03
CA TYR A 26 0.24 -3.82 2.07
C TYR A 26 1.24 -2.85 1.47
N THR A 27 0.76 -1.78 0.87
CA THR A 27 1.64 -0.78 0.28
C THR A 27 2.63 -0.26 1.30
N ALA A 28 2.21 -0.20 2.55
CA ALA A 28 3.11 0.27 3.60
C ALA A 28 4.18 -0.76 3.90
N GLY A 29 3.83 -2.04 3.75
CA GLY A 29 4.78 -3.12 4.00
C GLY A 29 5.70 -3.38 2.82
N ILE A 30 5.11 -3.40 1.62
CA ILE A 30 5.88 -3.67 0.40
C ILE A 30 6.84 -2.51 0.10
N ASN A 31 6.41 -1.29 0.38
CA ASN A 31 7.24 -0.13 0.15
C ASN A 31 8.28 -0.01 1.26
N SER A 32 7.87 -0.33 2.48
CA SER A 32 8.79 -0.27 3.62
C SER A 32 9.89 -1.32 3.50
N PHE A 33 9.57 -2.44 2.86
CA PHE A 33 10.54 -3.52 2.68
C PHE A 33 11.75 -2.99 1.91
N VAL A 34 11.47 -2.17 0.90
CA VAL A 34 12.52 -1.57 0.07
C VAL A 34 13.38 -0.62 0.86
N SER A 35 12.76 0.43 1.37
CA SER A 35 13.48 1.43 2.15
C SER A 35 14.20 0.76 3.32
N GLY A 36 13.59 -0.28 3.88
CA GLY A 36 14.20 -0.99 4.98
C GLY A 36 15.49 -1.65 4.56
N VAL A 37 15.46 -2.31 3.42
CA VAL A 37 16.64 -2.98 2.89
C VAL A 37 17.60 -1.97 2.28
N ALA A 38 17.03 -0.86 1.81
CA ALA A 38 17.82 0.20 1.20
C ALA A 38 18.50 1.07 2.26
N SER A 39 17.94 1.07 3.47
CA SER A 39 18.50 1.86 4.56
C SER A 39 19.69 1.15 5.20
N GLY A 40 19.56 -0.15 5.43
CA GLY A 40 20.64 -0.92 6.03
C GLY A 40 20.34 -2.41 6.08
N ALA A 41 19.11 -2.76 6.45
CA ALA A 41 18.67 -4.15 6.53
C ALA A 41 19.07 -4.82 7.86
N GLY A 42 19.89 -4.14 8.65
CA GLY A 42 20.32 -4.70 9.92
C GLY A 42 21.42 -5.74 9.77
N SER A 43 22.24 -5.61 8.73
CA SER A 43 23.33 -6.55 8.50
C SER A 43 24.67 -5.93 8.89
N ILE A 44 25.06 -4.88 8.16
CA ILE A 44 26.31 -4.19 8.42
C ILE A 44 26.24 -2.75 7.92
N GLY A 45 25.06 -2.16 7.99
CA GLY A 45 24.85 -0.79 7.54
C GLY A 45 24.50 0.14 8.69
N ARG A 46 24.99 -0.18 9.89
CA ARG A 46 24.73 0.63 11.07
C ARG A 46 25.52 0.13 12.27
N ARG A 47 26.77 -0.28 12.01
CA ARG A 47 27.65 -0.80 13.06
C ARG A 47 26.94 -1.73 14.03
N PRO A 48 26.84 -3.03 13.69
CA PRO A 48 26.19 -4.02 14.56
C PRO A 48 27.04 -4.37 15.77
N VAL A 1 -15.86 5.40 14.56
CA VAL A 1 -16.40 6.38 13.65
C VAL A 1 -15.68 7.71 13.82
N ASN A 2 -16.29 8.63 14.56
CA ASN A 2 -15.71 9.95 14.80
C ASN A 2 -15.72 10.80 13.55
N TYR A 3 -14.92 10.42 12.56
CA TYR A 3 -14.83 11.18 11.31
C TYR A 3 -16.00 10.82 10.40
N GLY A 4 -16.02 11.45 9.23
CA GLY A 4 -17.11 11.21 8.28
C GLY A 4 -17.94 12.46 8.09
N ASN A 5 -17.31 13.51 7.57
CA ASN A 5 -17.99 14.77 7.35
C ASN A 5 -17.23 15.66 6.37
N GLY A 6 -15.90 15.71 6.51
CA GLY A 6 -15.08 16.53 5.63
C GLY A 6 -13.62 16.14 5.65
N VAL A 7 -13.33 14.86 5.39
CA VAL A 7 -11.96 14.37 5.38
C VAL A 7 -11.32 14.50 4.00
N SER A 8 -11.83 15.40 3.17
CA SER A 8 -11.30 15.60 1.83
C SER A 8 -11.42 14.33 1.01
N CYS A 9 -12.49 14.22 0.23
CA CYS A 9 -12.70 13.05 -0.61
C CYS A 9 -11.71 13.04 -1.77
N SER A 10 -11.16 11.86 -2.06
CA SER A 10 -10.20 11.72 -3.14
C SER A 10 -10.87 11.25 -4.43
N LYS A 11 -12.19 11.40 -4.49
CA LYS A 11 -12.96 10.99 -5.67
C LYS A 11 -14.34 11.64 -5.67
N THR A 12 -15.08 11.43 -6.76
CA THR A 12 -16.41 12.00 -6.90
C THR A 12 -17.50 11.08 -6.33
N LYS A 13 -17.12 10.23 -5.36
CA LYS A 13 -18.07 9.32 -4.75
C LYS A 13 -17.57 8.86 -3.38
N CYS A 14 -16.49 8.07 -3.37
CA CYS A 14 -15.93 7.58 -2.12
C CYS A 14 -16.82 6.48 -1.56
N SER A 15 -16.88 5.37 -2.29
CA SER A 15 -17.71 4.25 -1.89
C SER A 15 -16.88 2.98 -1.72
N VAL A 16 -15.59 3.08 -2.00
CA VAL A 16 -14.71 1.93 -1.87
C VAL A 16 -14.40 1.64 -0.40
N ASN A 17 -13.92 2.67 0.30
CA ASN A 17 -13.60 2.55 1.73
C ASN A 17 -12.48 1.55 2.00
N TRP A 18 -12.72 0.28 1.69
CA TRP A 18 -11.73 -0.77 1.95
C TRP A 18 -10.49 -0.61 1.08
N GLY A 19 -10.60 0.21 0.03
CA GLY A 19 -9.46 0.43 -0.85
C GLY A 19 -8.20 0.84 -0.11
N GLN A 20 -8.29 1.92 0.66
CA GLN A 20 -7.15 2.42 1.42
C GLN A 20 -6.71 1.41 2.49
N ALA A 21 -7.64 0.58 2.95
CA ALA A 21 -7.33 -0.41 3.97
C ALA A 21 -6.25 -1.36 3.49
N PHE A 22 -6.59 -2.20 2.52
CA PHE A 22 -5.63 -3.16 1.99
C PHE A 22 -4.36 -2.51 1.49
N GLN A 23 -4.47 -1.32 0.91
CA GLN A 23 -3.31 -0.63 0.35
C GLN A 23 -2.43 -0.07 1.45
N GLU A 24 -3.06 0.37 2.53
CA GLU A 24 -2.35 0.93 3.67
C GLU A 24 -1.68 -0.18 4.47
N ARG A 25 -2.31 -1.34 4.45
CA ARG A 25 -1.83 -2.51 5.16
C ARG A 25 -0.72 -3.21 4.36
N TYR A 26 -1.06 -3.61 3.14
CA TYR A 26 -0.15 -4.33 2.25
C TYR A 26 1.05 -3.50 1.82
N THR A 27 0.80 -2.36 1.19
CA THR A 27 1.88 -1.50 0.73
C THR A 27 2.80 -1.11 1.87
N ALA A 28 2.22 -0.73 3.00
CA ALA A 28 2.99 -0.31 4.16
C ALA A 28 4.04 -1.36 4.53
N GLY A 29 3.65 -2.62 4.50
CA GLY A 29 4.58 -3.69 4.85
C GLY A 29 5.59 -3.97 3.75
N ILE A 30 5.11 -4.16 2.53
CA ILE A 30 5.97 -4.45 1.39
C ILE A 30 6.88 -3.27 1.06
N ASN A 31 6.31 -2.07 1.02
CA ASN A 31 7.09 -0.88 0.71
C ASN A 31 8.15 -0.66 1.78
N SER A 32 7.78 -0.92 3.04
CA SER A 32 8.73 -0.78 4.14
C SER A 32 9.97 -1.63 3.89
N PHE A 33 9.76 -2.81 3.33
CA PHE A 33 10.84 -3.72 3.03
C PHE A 33 11.85 -3.05 2.09
N VAL A 34 11.33 -2.27 1.15
CA VAL A 34 12.15 -1.56 0.17
C VAL A 34 12.96 -0.45 0.83
N SER A 35 12.27 0.53 1.39
CA SER A 35 12.95 1.65 2.04
C SER A 35 14.04 1.16 2.99
N GLY A 36 13.75 0.07 3.71
CA GLY A 36 14.72 -0.48 4.62
C GLY A 36 16.00 -0.89 3.91
N VAL A 37 15.84 -1.66 2.83
CA VAL A 37 16.98 -2.10 2.04
C VAL A 37 17.55 -0.93 1.25
N ALA A 38 16.69 0.01 0.91
CA ALA A 38 17.09 1.18 0.16
C ALA A 38 17.93 2.13 1.01
N SER A 39 17.80 2.01 2.33
CA SER A 39 18.54 2.86 3.25
C SER A 39 20.04 2.74 3.03
N GLY A 40 20.49 1.61 2.48
CA GLY A 40 21.91 1.43 2.25
C GLY A 40 22.32 0.02 1.87
N ALA A 41 21.46 -0.71 1.16
CA ALA A 41 21.78 -2.07 0.76
C ALA A 41 22.70 -2.07 -0.46
N GLY A 42 22.52 -1.06 -1.32
CA GLY A 42 23.35 -0.95 -2.53
C GLY A 42 22.50 -0.73 -3.77
N SER A 43 21.77 0.38 -3.79
CA SER A 43 20.92 0.71 -4.94
C SER A 43 20.32 2.11 -4.79
N ILE A 44 21.14 3.12 -5.04
CA ILE A 44 20.71 4.51 -4.93
C ILE A 44 21.55 5.40 -5.84
N GLY A 45 21.50 5.11 -7.14
CA GLY A 45 22.27 5.90 -8.10
C GLY A 45 22.10 5.38 -9.51
N ARG A 46 20.88 4.98 -9.85
CA ARG A 46 20.57 4.46 -11.17
C ARG A 46 21.44 3.24 -11.47
N ARG A 47 21.36 2.75 -12.71
CA ARG A 47 22.14 1.59 -13.14
C ARG A 47 22.09 0.46 -12.12
N PRO A 48 21.25 -0.57 -12.35
CA PRO A 48 21.12 -1.70 -11.44
C PRO A 48 22.32 -2.65 -11.52
N VAL A 1 -24.31 6.61 -3.65
CA VAL A 1 -23.86 7.50 -4.71
C VAL A 1 -22.38 7.26 -4.97
N ASN A 2 -22.03 6.07 -5.42
CA ASN A 2 -20.63 5.76 -5.70
C ASN A 2 -20.48 4.55 -6.62
N TYR A 3 -20.86 4.73 -7.89
CA TYR A 3 -20.76 3.64 -8.87
C TYR A 3 -19.33 3.53 -9.39
N GLY A 4 -18.87 2.29 -9.60
CA GLY A 4 -17.52 2.09 -10.08
C GLY A 4 -16.92 0.80 -9.56
N ASN A 5 -16.70 -0.16 -10.45
CA ASN A 5 -16.12 -1.46 -10.07
C ASN A 5 -17.19 -2.35 -9.46
N GLY A 6 -18.11 -2.84 -10.28
CA GLY A 6 -19.17 -3.69 -9.78
C GLY A 6 -20.33 -2.88 -9.24
N VAL A 7 -21.23 -2.45 -10.13
CA VAL A 7 -22.39 -1.66 -9.74
C VAL A 7 -23.56 -2.56 -9.36
N SER A 8 -23.84 -2.62 -8.06
CA SER A 8 -24.93 -3.44 -7.55
C SER A 8 -25.04 -3.29 -6.03
N CYS A 9 -25.44 -2.10 -5.59
CA CYS A 9 -25.58 -1.82 -4.16
C CYS A 9 -26.70 -0.83 -3.92
N SER A 10 -27.93 -1.32 -3.98
CA SER A 10 -29.11 -0.48 -3.78
C SER A 10 -29.63 -0.61 -2.35
N LYS A 11 -30.19 0.49 -1.84
CA LYS A 11 -30.73 0.52 -0.47
C LYS A 11 -29.60 0.67 0.54
N THR A 12 -29.74 1.63 1.45
CA THR A 12 -28.72 1.86 2.46
C THR A 12 -27.38 2.19 1.80
N LYS A 13 -26.38 2.49 2.63
CA LYS A 13 -25.05 2.81 2.13
C LYS A 13 -24.28 1.53 1.80
N CYS A 14 -23.23 1.66 1.00
CA CYS A 14 -22.43 0.51 0.61
C CYS A 14 -21.08 0.49 1.31
N SER A 15 -20.86 -0.52 2.14
CA SER A 15 -19.62 -0.66 2.87
C SER A 15 -18.57 -1.37 2.02
N VAL A 16 -17.48 -1.78 2.66
CA VAL A 16 -16.39 -2.48 1.97
C VAL A 16 -15.50 -1.48 1.24
N ASN A 17 -14.46 -1.01 1.94
CA ASN A 17 -13.52 -0.04 1.37
C ASN A 17 -12.11 -0.58 1.42
N TRP A 18 -12.00 -1.90 1.32
CA TRP A 18 -10.71 -2.59 1.34
C TRP A 18 -9.64 -1.86 0.54
N GLY A 19 -10.06 -1.14 -0.50
CA GLY A 19 -9.11 -0.40 -1.32
C GLY A 19 -8.06 0.33 -0.51
N GLN A 20 -8.51 1.24 0.34
CA GLN A 20 -7.60 2.03 1.18
C GLN A 20 -7.00 1.18 2.28
N ALA A 21 -7.81 0.28 2.84
CA ALA A 21 -7.35 -0.60 3.92
C ALA A 21 -6.28 -1.56 3.42
N PHE A 22 -6.66 -2.49 2.56
CA PHE A 22 -5.71 -3.46 2.04
C PHE A 22 -4.46 -2.80 1.50
N GLN A 23 -4.59 -1.58 1.00
CA GLN A 23 -3.46 -0.88 0.39
C GLN A 23 -2.58 -0.22 1.45
N GLU A 24 -3.20 0.28 2.49
CA GLU A 24 -2.46 0.94 3.56
C GLU A 24 -1.77 -0.11 4.42
N ARG A 25 -2.36 -1.30 4.40
CA ARG A 25 -1.85 -2.42 5.14
C ARG A 25 -0.67 -3.08 4.42
N TYR A 26 -0.92 -3.53 3.20
CA TYR A 26 0.10 -4.21 2.40
C TYR A 26 1.23 -3.27 1.96
N THR A 27 0.90 -2.20 1.24
CA THR A 27 1.93 -1.26 0.78
C THR A 27 2.78 -0.78 1.95
N ALA A 28 2.16 -0.60 3.12
CA ALA A 28 2.89 -0.16 4.30
C ALA A 28 4.03 -1.13 4.61
N GLY A 29 3.71 -2.41 4.67
CA GLY A 29 4.73 -3.42 4.95
C GLY A 29 5.62 -3.68 3.76
N ILE A 30 5.03 -3.64 2.56
CA ILE A 30 5.77 -3.87 1.33
C ILE A 30 6.71 -2.70 1.04
N ASN A 31 6.22 -1.48 1.27
CA ASN A 31 7.02 -0.29 1.06
C ASN A 31 8.22 -0.28 2.00
N SER A 32 7.99 -0.72 3.24
CA SER A 32 9.06 -0.78 4.22
C SER A 32 10.22 -1.60 3.68
N PHE A 33 9.89 -2.78 3.16
CA PHE A 33 10.90 -3.67 2.58
C PHE A 33 11.85 -2.88 1.69
N VAL A 34 11.31 -1.92 0.97
CA VAL A 34 12.10 -1.08 0.07
C VAL A 34 13.02 -0.16 0.85
N SER A 35 12.44 0.75 1.61
CA SER A 35 13.22 1.69 2.41
C SER A 35 14.36 0.98 3.13
N GLY A 36 14.00 -0.03 3.93
CA GLY A 36 15.00 -0.79 4.65
C GLY A 36 16.06 -1.35 3.73
N VAL A 37 15.62 -2.08 2.71
CA VAL A 37 16.52 -2.67 1.73
C VAL A 37 17.24 -1.58 0.94
N ALA A 38 16.69 -0.36 0.96
CA ALA A 38 17.29 0.76 0.25
C ALA A 38 18.47 1.34 1.02
N SER A 39 18.45 1.15 2.35
CA SER A 39 19.53 1.64 3.20
C SER A 39 20.84 0.95 2.86
N GLY A 40 20.77 -0.37 2.67
CA GLY A 40 21.95 -1.14 2.33
C GLY A 40 22.28 -1.04 0.86
N ALA A 41 21.31 -1.37 0.02
CA ALA A 41 21.50 -1.31 -1.43
C ALA A 41 22.62 -2.24 -1.89
N GLY A 42 22.96 -3.21 -1.06
CA GLY A 42 24.01 -4.15 -1.39
C GLY A 42 23.91 -5.45 -0.61
N SER A 43 22.69 -5.84 -0.27
CA SER A 43 22.46 -7.07 0.47
C SER A 43 22.09 -8.22 -0.46
N ILE A 44 22.57 -8.15 -1.71
CA ILE A 44 22.29 -9.18 -2.70
C ILE A 44 20.85 -9.10 -3.18
N GLY A 45 20.59 -8.17 -4.09
CA GLY A 45 19.26 -8.00 -4.62
C GLY A 45 19.25 -7.22 -5.93
N ARG A 46 20.25 -7.48 -6.77
CA ARG A 46 20.37 -6.81 -8.05
C ARG A 46 21.28 -7.59 -8.99
N ARG A 47 20.68 -8.37 -9.88
CA ARG A 47 21.44 -9.16 -10.84
C ARG A 47 20.76 -9.14 -12.21
N PRO A 48 21.54 -9.33 -13.29
CA PRO A 48 21.00 -9.33 -14.66
C PRO A 48 19.94 -10.41 -14.86
N VAL A 1 -23.70 16.68 -2.67
CA VAL A 1 -22.97 16.97 -3.89
C VAL A 1 -22.23 18.29 -3.73
N ASN A 2 -21.73 18.54 -2.52
CA ASN A 2 -20.99 19.77 -2.24
C ASN A 2 -19.56 19.66 -2.75
N TYR A 3 -18.89 20.81 -2.85
CA TYR A 3 -17.50 20.87 -3.33
C TYR A 3 -16.85 22.15 -2.81
N GLY A 4 -17.19 22.50 -1.58
CA GLY A 4 -16.65 23.68 -0.92
C GLY A 4 -16.19 23.38 0.48
N ASN A 5 -15.35 22.36 0.60
CA ASN A 5 -14.84 21.92 1.90
C ASN A 5 -13.59 21.06 1.70
N GLY A 6 -13.71 20.08 0.80
CA GLY A 6 -12.62 19.20 0.51
C GLY A 6 -13.11 17.80 0.18
N VAL A 7 -13.43 17.59 -1.09
CA VAL A 7 -13.90 16.30 -1.56
C VAL A 7 -13.49 16.10 -3.02
N SER A 8 -13.05 14.89 -3.34
CA SER A 8 -12.58 14.58 -4.68
C SER A 8 -13.37 13.42 -5.29
N CYS A 9 -14.69 13.57 -5.35
CA CYS A 9 -15.55 12.54 -5.92
C CYS A 9 -16.84 13.15 -6.45
N SER A 10 -17.14 12.88 -7.72
CA SER A 10 -18.35 13.40 -8.34
C SER A 10 -19.48 12.39 -8.21
N LYS A 11 -19.34 11.27 -8.93
CA LYS A 11 -20.33 10.20 -8.88
C LYS A 11 -19.77 8.89 -9.43
N THR A 12 -20.52 7.82 -9.26
CA THR A 12 -20.12 6.50 -9.73
C THR A 12 -18.88 5.97 -9.02
N LYS A 13 -17.75 6.63 -9.21
CA LYS A 13 -16.50 6.19 -8.60
C LYS A 13 -16.38 6.64 -7.13
N CYS A 14 -16.95 5.85 -6.24
CA CYS A 14 -16.90 6.15 -4.81
C CYS A 14 -17.32 4.94 -3.96
N SER A 15 -16.83 3.76 -4.34
CA SER A 15 -17.16 2.55 -3.60
C SER A 15 -16.11 1.47 -3.79
N VAL A 16 -15.66 0.89 -2.68
CA VAL A 16 -14.66 -0.17 -2.70
C VAL A 16 -14.61 -0.89 -1.36
N ASN A 17 -14.66 -2.22 -1.42
CA ASN A 17 -14.62 -3.04 -0.20
C ASN A 17 -13.26 -3.74 -0.08
N TRP A 18 -12.70 -3.74 1.14
CA TRP A 18 -11.41 -4.38 1.38
C TRP A 18 -10.35 -3.86 0.42
N GLY A 19 -10.46 -2.57 0.08
CA GLY A 19 -9.50 -1.96 -0.83
C GLY A 19 -8.65 -0.90 -0.15
N GLN A 20 -9.29 -0.07 0.66
CA GLN A 20 -8.59 0.99 1.38
C GLN A 20 -7.70 0.41 2.48
N ALA A 21 -8.17 -0.68 3.09
CA ALA A 21 -7.43 -1.34 4.15
C ALA A 21 -6.19 -2.04 3.61
N PHE A 22 -6.39 -2.97 2.68
CA PHE A 22 -5.29 -3.73 2.09
C PHE A 22 -4.21 -2.84 1.52
N GLN A 23 -4.56 -1.66 1.04
CA GLN A 23 -3.57 -0.77 0.43
C GLN A 23 -2.74 -0.07 1.50
N GLU A 24 -3.41 0.32 2.58
CA GLU A 24 -2.73 0.98 3.68
C GLU A 24 -1.87 -0.03 4.44
N ARG A 25 -2.35 -1.27 4.46
CA ARG A 25 -1.66 -2.36 5.13
C ARG A 25 -0.47 -2.85 4.31
N TYR A 26 -0.73 -3.21 3.06
CA TYR A 26 0.29 -3.75 2.17
C TYR A 26 1.31 -2.70 1.72
N THR A 27 0.85 -1.62 1.09
CA THR A 27 1.76 -0.59 0.63
C THR A 27 2.63 -0.08 1.79
N ALA A 28 2.08 -0.10 2.99
CA ALA A 28 2.81 0.32 4.18
C ALA A 28 3.99 -0.59 4.45
N GLY A 29 3.76 -1.90 4.38
CA GLY A 29 4.82 -2.86 4.62
C GLY A 29 5.74 -3.01 3.42
N ILE A 30 5.13 -3.09 2.23
CA ILE A 30 5.90 -3.24 1.00
C ILE A 30 6.81 -2.03 0.78
N ASN A 31 6.32 -0.85 1.16
CA ASN A 31 7.11 0.36 1.02
C ASN A 31 8.30 0.31 1.98
N SER A 32 8.03 -0.11 3.20
CA SER A 32 9.07 -0.21 4.22
C SER A 32 10.14 -1.22 3.80
N PHE A 33 9.71 -2.32 3.18
CA PHE A 33 10.63 -3.35 2.73
C PHE A 33 11.71 -2.73 1.82
N VAL A 34 11.26 -1.80 0.96
CA VAL A 34 12.17 -1.11 0.05
C VAL A 34 13.24 -0.36 0.81
N SER A 35 12.82 0.55 1.66
CA SER A 35 13.74 1.33 2.46
C SER A 35 14.63 0.41 3.29
N GLY A 36 14.01 -0.62 3.86
CA GLY A 36 14.74 -1.58 4.68
C GLY A 36 15.86 -2.23 3.89
N VAL A 37 15.56 -2.63 2.65
CA VAL A 37 16.55 -3.27 1.79
C VAL A 37 17.48 -2.24 1.17
N ALA A 38 16.96 -1.01 1.03
CA ALA A 38 17.72 0.07 0.45
C ALA A 38 18.74 0.63 1.45
N SER A 39 18.46 0.45 2.74
CA SER A 39 19.35 0.94 3.79
C SER A 39 20.58 0.05 3.92
N GLY A 40 20.36 -1.26 3.95
CA GLY A 40 21.47 -2.20 4.08
C GLY A 40 21.25 -3.24 5.15
N ALA A 41 20.02 -3.74 5.25
CA ALA A 41 19.69 -4.76 6.25
C ALA A 41 19.93 -4.26 7.66
N GLY A 42 19.90 -2.94 7.83
CA GLY A 42 20.11 -2.34 9.14
C GLY A 42 19.17 -2.89 10.19
N SER A 43 17.87 -2.65 10.00
CA SER A 43 16.86 -3.12 10.95
C SER A 43 17.06 -2.47 12.32
N ILE A 44 16.86 -1.17 12.38
CA ILE A 44 17.02 -0.41 13.63
C ILE A 44 15.67 -0.02 14.21
N GLY A 45 14.72 -0.96 14.19
CA GLY A 45 13.39 -0.70 14.72
C GLY A 45 13.07 -1.53 15.94
N ARG A 46 14.09 -1.84 16.74
CA ARG A 46 13.90 -2.63 17.94
C ARG A 46 14.64 -2.00 19.12
N ARG A 47 14.48 -2.59 20.31
CA ARG A 47 15.13 -2.07 21.52
C ARG A 47 15.63 -3.22 22.39
N PRO A 48 16.45 -4.13 21.83
CA PRO A 48 17.00 -5.26 22.58
C PRO A 48 18.15 -4.85 23.49
N VAL A 1 -6.64 2.43 -7.70
CA VAL A 1 -7.09 3.72 -7.24
C VAL A 1 -6.84 4.77 -8.32
N ASN A 2 -6.65 4.30 -9.56
CA ASN A 2 -6.42 5.21 -10.68
C ASN A 2 -7.74 5.80 -11.19
N TYR A 3 -8.36 6.66 -10.39
CA TYR A 3 -9.63 7.27 -10.78
C TYR A 3 -9.38 8.44 -11.73
N GLY A 4 -8.95 8.13 -12.95
CA GLY A 4 -8.67 9.17 -13.94
C GLY A 4 -9.44 9.00 -15.23
N ASN A 5 -10.72 8.68 -15.10
CA ASN A 5 -11.57 8.50 -16.27
C ASN A 5 -11.10 7.32 -17.11
N GLY A 6 -10.83 6.20 -16.45
CA GLY A 6 -10.36 5.02 -17.16
C GLY A 6 -9.90 3.92 -16.22
N VAL A 7 -10.78 3.51 -15.32
CA VAL A 7 -10.46 2.47 -14.36
C VAL A 7 -10.82 1.09 -14.92
N SER A 8 -11.93 1.02 -15.66
CA SER A 8 -12.37 -0.22 -16.27
C SER A 8 -12.75 -1.25 -15.19
N CYS A 9 -14.06 -1.39 -14.94
CA CYS A 9 -14.52 -2.34 -13.93
C CYS A 9 -14.85 -3.70 -14.56
N SER A 10 -15.13 -4.68 -13.72
CA SER A 10 -15.45 -6.02 -14.20
C SER A 10 -16.74 -6.56 -13.59
N LYS A 11 -17.65 -5.66 -13.24
CA LYS A 11 -18.93 -6.06 -12.66
C LYS A 11 -19.95 -4.92 -12.72
N THR A 12 -21.12 -5.14 -12.11
CA THR A 12 -22.17 -4.15 -12.10
C THR A 12 -22.02 -3.22 -10.88
N LYS A 13 -21.70 -3.81 -9.73
CA LYS A 13 -21.54 -3.04 -8.50
C LYS A 13 -20.15 -2.40 -8.45
N CYS A 14 -19.12 -3.24 -8.41
CA CYS A 14 -17.75 -2.75 -8.35
C CYS A 14 -17.55 -1.82 -7.16
N SER A 15 -17.90 -2.31 -5.98
CA SER A 15 -17.75 -1.53 -4.76
C SER A 15 -16.28 -1.47 -4.35
N VAL A 16 -16.02 -1.38 -3.05
CA VAL A 16 -14.65 -1.31 -2.55
C VAL A 16 -14.62 -1.61 -1.07
N ASN A 17 -14.08 -2.76 -0.73
CA ASN A 17 -13.97 -3.18 0.66
C ASN A 17 -12.52 -3.44 1.02
N TRP A 18 -11.80 -4.12 0.13
CA TRP A 18 -10.39 -4.44 0.36
C TRP A 18 -9.49 -3.47 -0.41
N GLY A 19 -9.95 -2.22 -0.50
CA GLY A 19 -9.19 -1.20 -1.19
C GLY A 19 -8.41 -0.32 -0.22
N GLN A 20 -9.13 0.35 0.66
CA GLN A 20 -8.49 1.24 1.64
C GLN A 20 -7.65 0.43 2.64
N ALA A 21 -8.14 -0.74 3.00
CA ALA A 21 -7.44 -1.60 3.95
C ALA A 21 -6.17 -2.20 3.36
N PHE A 22 -6.33 -3.03 2.34
CA PHE A 22 -5.19 -3.70 1.71
C PHE A 22 -4.09 -2.76 1.28
N GLN A 23 -4.43 -1.54 0.89
CA GLN A 23 -3.42 -0.60 0.40
C GLN A 23 -2.66 0.01 1.56
N GLU A 24 -3.36 0.26 2.65
CA GLU A 24 -2.74 0.83 3.84
C GLU A 24 -1.92 -0.23 4.55
N ARG A 25 -2.36 -1.49 4.40
CA ARG A 25 -1.68 -2.62 5.00
C ARG A 25 -0.45 -3.03 4.18
N TYR A 26 -0.67 -3.22 2.89
CA TYR A 26 0.40 -3.66 1.98
C TYR A 26 1.37 -2.54 1.63
N THR A 27 0.88 -1.43 1.08
CA THR A 27 1.74 -0.31 0.72
C THR A 27 2.55 0.17 1.93
N ALA A 28 2.08 -0.15 3.13
CA ALA A 28 2.79 0.26 4.33
C ALA A 28 3.96 -0.69 4.58
N GLY A 29 3.69 -1.99 4.53
CA GLY A 29 4.73 -2.99 4.74
C GLY A 29 5.68 -3.09 3.56
N ILE A 30 5.11 -3.13 2.36
CA ILE A 30 5.91 -3.24 1.14
C ILE A 30 6.85 -2.04 1.01
N ASN A 31 6.33 -0.85 1.25
CA ASN A 31 7.15 0.36 1.16
C ASN A 31 8.29 0.32 2.17
N SER A 32 8.02 -0.23 3.35
CA SER A 32 9.03 -0.33 4.39
C SER A 32 10.10 -1.34 4.01
N PHE A 33 9.68 -2.44 3.39
CA PHE A 33 10.62 -3.48 2.96
C PHE A 33 11.65 -2.91 1.98
N VAL A 34 11.20 -1.96 1.17
CA VAL A 34 12.07 -1.33 0.18
C VAL A 34 13.13 -0.46 0.83
N SER A 35 12.67 0.57 1.53
CA SER A 35 13.58 1.49 2.21
C SER A 35 14.66 0.74 2.99
N GLY A 36 14.23 -0.12 3.90
CA GLY A 36 15.17 -0.89 4.70
C GLY A 36 16.10 -1.72 3.83
N VAL A 37 15.51 -2.44 2.89
CA VAL A 37 16.28 -3.30 1.98
C VAL A 37 17.15 -2.45 1.05
N ALA A 38 16.77 -1.18 0.87
CA ALA A 38 17.51 -0.27 0.01
C ALA A 38 18.77 0.26 0.69
N SER A 39 18.75 0.29 2.02
CA SER A 39 19.90 0.77 2.78
C SER A 39 21.05 -0.24 2.75
N GLY A 40 20.71 -1.52 2.73
CA GLY A 40 21.73 -2.56 2.70
C GLY A 40 21.59 -3.55 3.83
N ALA A 41 20.39 -4.11 3.98
CA ALA A 41 20.11 -5.08 5.03
C ALA A 41 20.35 -6.50 4.54
N GLY A 42 20.10 -6.73 3.26
CA GLY A 42 20.28 -8.04 2.67
C GLY A 42 20.20 -8.01 1.16
N SER A 43 19.05 -7.60 0.65
CA SER A 43 18.82 -7.50 -0.80
C SER A 43 19.18 -8.82 -1.50
N ILE A 44 18.52 -9.89 -1.10
CA ILE A 44 18.77 -11.20 -1.70
C ILE A 44 17.68 -12.19 -1.32
N GLY A 45 16.43 -11.88 -1.69
CA GLY A 45 15.31 -12.74 -1.38
C GLY A 45 14.51 -13.09 -2.62
N ARG A 46 14.36 -12.11 -3.52
CA ARG A 46 13.63 -12.31 -4.76
C ARG A 46 13.64 -11.03 -5.58
N ARG A 47 14.52 -10.97 -6.57
CA ARG A 47 14.63 -9.80 -7.43
C ARG A 47 13.35 -9.59 -8.24
N PRO A 48 12.83 -10.65 -8.89
CA PRO A 48 11.61 -10.55 -9.68
C PRO A 48 10.46 -9.91 -8.92
N VAL A 1 -30.06 0.28 -13.16
CA VAL A 1 -28.67 -0.14 -13.22
C VAL A 1 -28.19 -0.09 -14.67
N ASN A 2 -28.52 0.99 -15.38
CA ASN A 2 -28.09 1.16 -16.78
C ASN A 2 -26.64 1.64 -16.92
N TYR A 3 -25.68 0.80 -16.57
CA TYR A 3 -24.27 1.18 -16.68
C TYR A 3 -23.73 0.98 -18.10
N GLY A 4 -24.17 -0.09 -18.77
CA GLY A 4 -23.69 -0.38 -20.12
C GLY A 4 -23.78 0.82 -21.06
N ASN A 5 -22.86 0.86 -22.04
CA ASN A 5 -22.81 1.93 -23.03
C ASN A 5 -22.78 3.31 -22.38
N GLY A 6 -21.68 3.62 -21.70
CA GLY A 6 -21.56 4.94 -21.08
C GLY A 6 -20.64 4.95 -19.86
N VAL A 7 -20.49 3.81 -19.21
CA VAL A 7 -19.63 3.69 -18.03
C VAL A 7 -19.07 2.29 -17.95
N SER A 8 -17.83 2.14 -18.42
CA SER A 8 -17.17 0.84 -18.41
C SER A 8 -15.67 1.03 -18.25
N CYS A 9 -15.14 0.58 -17.12
CA CYS A 9 -13.72 0.70 -16.85
C CYS A 9 -13.09 -0.67 -16.64
N SER A 10 -11.78 -0.70 -16.46
CA SER A 10 -11.07 -1.97 -16.27
C SER A 10 -11.65 -2.74 -15.08
N LYS A 11 -12.30 -2.02 -14.16
CA LYS A 11 -12.90 -2.62 -12.97
C LYS A 11 -11.86 -2.83 -11.88
N THR A 12 -10.60 -2.50 -12.18
CA THR A 12 -9.53 -2.66 -11.21
C THR A 12 -9.42 -1.40 -10.35
N LYS A 13 -9.10 -0.28 -11.00
CA LYS A 13 -8.98 1.00 -10.30
C LYS A 13 -10.32 1.71 -10.07
N CYS A 14 -11.44 0.99 -10.19
CA CYS A 14 -12.75 1.61 -10.00
C CYS A 14 -13.35 1.31 -8.63
N SER A 15 -13.92 2.34 -8.01
CA SER A 15 -14.52 2.21 -6.68
C SER A 15 -13.47 1.79 -5.66
N VAL A 16 -13.88 1.59 -4.41
CA VAL A 16 -12.93 1.19 -3.37
C VAL A 16 -13.66 0.60 -2.17
N ASN A 17 -13.44 -0.69 -1.95
CA ASN A 17 -14.03 -1.41 -0.83
C ASN A 17 -12.94 -2.12 -0.05
N TRP A 18 -12.10 -2.84 -0.78
CA TRP A 18 -10.98 -3.56 -0.20
C TRP A 18 -9.67 -3.00 -0.74
N GLY A 19 -9.69 -1.70 -1.02
CA GLY A 19 -8.51 -1.03 -1.55
C GLY A 19 -7.83 -0.19 -0.49
N GLN A 20 -8.62 0.54 0.29
CA GLN A 20 -8.08 1.39 1.33
C GLN A 20 -7.42 0.53 2.41
N ALA A 21 -8.08 -0.55 2.79
CA ALA A 21 -7.56 -1.47 3.80
C ALA A 21 -6.30 -2.16 3.29
N PHE A 22 -6.46 -3.04 2.32
CA PHE A 22 -5.32 -3.79 1.78
C PHE A 22 -4.17 -2.91 1.37
N GLN A 23 -4.45 -1.68 0.93
CA GLN A 23 -3.38 -0.79 0.48
C GLN A 23 -2.62 -0.20 1.67
N GLU A 24 -3.36 0.29 2.65
CA GLU A 24 -2.76 0.85 3.85
C GLU A 24 -2.01 -0.24 4.60
N ARG A 25 -2.48 -1.47 4.43
CA ARG A 25 -1.88 -2.62 5.08
C ARG A 25 -0.64 -3.09 4.33
N TYR A 26 -0.79 -3.31 3.02
CA TYR A 26 0.30 -3.78 2.17
C TYR A 26 1.29 -2.67 1.80
N THR A 27 0.78 -1.59 1.20
CA THR A 27 1.64 -0.48 0.83
C THR A 27 2.45 0.01 2.02
N ALA A 28 1.96 -0.24 3.23
CA ALA A 28 2.66 0.17 4.43
C ALA A 28 3.88 -0.74 4.66
N GLY A 29 3.63 -2.05 4.68
CA GLY A 29 4.72 -2.99 4.90
C GLY A 29 5.65 -3.08 3.71
N ILE A 30 5.09 -3.09 2.51
CA ILE A 30 5.88 -3.18 1.28
C ILE A 30 6.82 -1.99 1.13
N ASN A 31 6.29 -0.79 1.34
CA ASN A 31 7.09 0.41 1.22
C ASN A 31 8.30 0.35 2.15
N SER A 32 8.06 -0.01 3.40
CA SER A 32 9.13 -0.12 4.38
C SER A 32 10.16 -1.15 3.95
N PHE A 33 9.71 -2.24 3.34
CA PHE A 33 10.60 -3.30 2.87
C PHE A 33 11.63 -2.72 1.90
N VAL A 34 11.19 -1.80 1.05
CA VAL A 34 12.07 -1.16 0.07
C VAL A 34 13.19 -0.40 0.74
N SER A 35 12.83 0.61 1.53
CA SER A 35 13.82 1.41 2.23
C SER A 35 14.72 0.53 3.07
N GLY A 36 14.14 -0.48 3.69
CA GLY A 36 14.92 -1.39 4.52
C GLY A 36 15.98 -2.12 3.72
N VAL A 37 15.60 -2.56 2.51
CA VAL A 37 16.53 -3.26 1.64
C VAL A 37 17.44 -2.27 0.93
N ALA A 38 16.93 -1.05 0.74
CA ALA A 38 17.67 -0.01 0.07
C ALA A 38 18.68 0.65 1.01
N SER A 39 18.45 0.52 2.32
CA SER A 39 19.33 1.11 3.32
C SER A 39 20.62 0.32 3.46
N GLY A 40 20.51 -1.00 3.40
CA GLY A 40 21.69 -1.85 3.53
C GLY A 40 21.37 -3.32 3.48
N ALA A 41 20.32 -3.73 4.19
CA ALA A 41 19.91 -5.14 4.22
C ALA A 41 18.40 -5.27 4.32
N GLY A 42 17.82 -4.72 5.38
CA GLY A 42 16.38 -4.78 5.57
C GLY A 42 15.90 -6.20 5.85
N SER A 43 16.60 -6.92 6.71
CA SER A 43 16.23 -8.28 7.04
C SER A 43 15.31 -8.32 8.27
N ILE A 44 15.47 -7.33 9.15
CA ILE A 44 14.66 -7.25 10.36
C ILE A 44 14.52 -5.81 10.83
N GLY A 45 13.89 -4.98 10.01
CA GLY A 45 13.69 -3.59 10.37
C GLY A 45 12.32 -3.33 10.99
N ARG A 46 11.28 -3.92 10.41
CA ARG A 46 9.93 -3.74 10.91
C ARG A 46 9.37 -5.04 11.48
N ARG A 47 9.78 -6.17 10.90
CA ARG A 47 9.33 -7.47 11.34
C ARG A 47 10.33 -8.10 12.31
N PRO A 48 9.99 -8.19 13.61
CA PRO A 48 10.89 -8.78 14.62
C PRO A 48 11.29 -10.20 14.26
N VAL A 1 -30.23 18.68 -10.61
CA VAL A 1 -29.10 18.38 -11.46
C VAL A 1 -27.91 19.24 -11.06
N ASN A 2 -27.98 19.85 -9.87
CA ASN A 2 -26.90 20.71 -9.37
C ASN A 2 -25.74 19.92 -8.79
N TYR A 3 -24.58 20.04 -9.41
CA TYR A 3 -23.38 19.34 -8.93
C TYR A 3 -22.72 20.11 -7.79
N GLY A 4 -21.70 19.51 -7.18
CA GLY A 4 -20.98 20.16 -6.10
C GLY A 4 -20.17 19.16 -5.29
N ASN A 5 -19.85 19.52 -4.05
CA ASN A 5 -19.07 18.64 -3.17
C ASN A 5 -19.95 17.53 -2.60
N GLY A 6 -21.20 17.87 -2.29
CA GLY A 6 -22.12 16.90 -1.72
C GLY A 6 -22.36 15.70 -2.62
N VAL A 7 -22.25 15.87 -3.93
CA VAL A 7 -22.47 14.78 -4.88
C VAL A 7 -21.18 14.00 -5.12
N SER A 8 -20.89 13.05 -4.24
CA SER A 8 -19.68 12.25 -4.35
C SER A 8 -19.97 10.76 -4.08
N CYS A 9 -20.63 10.11 -5.03
CA CYS A 9 -20.96 8.70 -4.90
C CYS A 9 -21.41 8.15 -6.25
N SER A 10 -20.45 7.79 -7.09
CA SER A 10 -20.74 7.24 -8.41
C SER A 10 -21.28 5.83 -8.27
N LYS A 11 -21.29 5.08 -9.36
CA LYS A 11 -21.76 3.71 -9.32
C LYS A 11 -20.69 2.83 -8.70
N THR A 12 -19.46 2.97 -9.18
CA THR A 12 -18.34 2.20 -8.66
C THR A 12 -17.66 2.93 -7.50
N LYS A 13 -17.37 4.22 -7.69
CA LYS A 13 -16.72 5.02 -6.66
C LYS A 13 -17.72 5.49 -5.61
N CYS A 14 -17.54 5.02 -4.36
CA CYS A 14 -18.42 5.40 -3.25
C CYS A 14 -18.20 4.50 -2.03
N SER A 15 -18.14 3.18 -2.25
CA SER A 15 -17.93 2.23 -1.15
C SER A 15 -17.00 1.11 -1.56
N VAL A 16 -15.96 0.88 -0.76
CA VAL A 16 -14.98 -0.16 -1.04
C VAL A 16 -14.13 -0.47 0.20
N ASN A 17 -14.61 -1.37 1.05
CA ASN A 17 -13.89 -1.74 2.25
C ASN A 17 -12.56 -2.39 1.91
N TRP A 18 -12.52 -3.11 0.79
CA TRP A 18 -11.31 -3.81 0.35
C TRP A 18 -10.42 -2.90 -0.50
N GLY A 19 -10.50 -1.60 -0.29
CA GLY A 19 -9.69 -0.66 -1.06
C GLY A 19 -8.53 -0.08 -0.27
N GLN A 20 -8.82 0.95 0.53
CA GLN A 20 -7.81 1.60 1.33
C GLN A 20 -7.23 0.66 2.38
N ALA A 21 -8.01 -0.34 2.78
CA ALA A 21 -7.56 -1.30 3.77
C ALA A 21 -6.34 -2.05 3.30
N PHE A 22 -6.52 -2.92 2.32
CA PHE A 22 -5.41 -3.71 1.80
C PHE A 22 -4.23 -2.88 1.38
N GLN A 23 -4.47 -1.68 0.86
CA GLN A 23 -3.38 -0.83 0.38
C GLN A 23 -2.64 -0.19 1.55
N GLU A 24 -3.40 0.28 2.53
CA GLU A 24 -2.82 0.91 3.71
C GLU A 24 -2.03 -0.13 4.50
N ARG A 25 -2.52 -1.36 4.45
CA ARG A 25 -1.92 -2.48 5.15
C ARG A 25 -0.71 -3.02 4.40
N TYR A 26 -0.92 -3.36 3.12
CA TYR A 26 0.12 -3.94 2.28
C TYR A 26 1.17 -2.92 1.83
N THR A 27 0.74 -1.85 1.18
CA THR A 27 1.67 -0.83 0.71
C THR A 27 2.56 -0.34 1.85
N ALA A 28 2.00 -0.32 3.06
CA ALA A 28 2.75 0.11 4.23
C ALA A 28 3.89 -0.86 4.53
N GLY A 29 3.57 -2.15 4.53
CA GLY A 29 4.58 -3.17 4.82
C GLY A 29 5.62 -3.26 3.72
N ILE A 30 5.16 -3.32 2.47
CA ILE A 30 6.06 -3.42 1.33
C ILE A 30 6.91 -2.15 1.22
N ASN A 31 6.31 -1.01 1.54
CA ASN A 31 7.03 0.26 1.48
C ASN A 31 8.25 0.21 2.39
N SER A 32 8.09 -0.38 3.57
CA SER A 32 9.18 -0.48 4.53
C SER A 32 10.29 -1.39 4.00
N PHE A 33 9.90 -2.45 3.30
CA PHE A 33 10.87 -3.38 2.74
C PHE A 33 11.83 -2.67 1.79
N VAL A 34 11.28 -1.73 1.04
CA VAL A 34 12.06 -0.95 0.09
C VAL A 34 13.12 -0.14 0.80
N SER A 35 12.68 0.77 1.65
CA SER A 35 13.60 1.62 2.40
C SER A 35 14.69 0.80 3.08
N GLY A 36 14.28 -0.17 3.89
CA GLY A 36 15.25 -1.02 4.59
C GLY A 36 16.18 -1.73 3.64
N VAL A 37 15.60 -2.42 2.66
CA VAL A 37 16.38 -3.16 1.68
C VAL A 37 17.19 -2.20 0.81
N ALA A 38 16.75 -0.94 0.75
CA ALA A 38 17.43 0.07 -0.03
C ALA A 38 18.77 0.42 0.60
N SER A 39 18.83 0.36 1.93
CA SER A 39 20.05 0.65 2.67
C SER A 39 21.07 -0.45 2.49
N GLY A 40 20.59 -1.69 2.34
CA GLY A 40 21.48 -2.82 2.17
C GLY A 40 21.14 -3.98 3.09
N ALA A 41 20.50 -3.67 4.22
CA ALA A 41 20.14 -4.70 5.19
C ALA A 41 19.40 -4.10 6.38
N GLY A 42 20.12 -3.37 7.22
CA GLY A 42 19.52 -2.77 8.39
C GLY A 42 20.37 -1.66 8.99
N SER A 43 20.91 -0.80 8.13
CA SER A 43 21.74 0.31 8.57
C SER A 43 23.03 -0.20 9.20
N ILE A 44 23.92 -0.73 8.37
CA ILE A 44 25.20 -1.25 8.84
C ILE A 44 26.23 -0.14 8.99
N GLY A 45 26.62 0.45 7.87
CA GLY A 45 27.61 1.51 7.89
C GLY A 45 27.13 2.75 8.62
N ARG A 46 25.83 2.84 8.87
CA ARG A 46 25.26 3.99 9.57
C ARG A 46 25.48 5.27 8.77
N ARG A 47 24.47 5.66 7.98
CA ARG A 47 24.56 6.86 7.17
C ARG A 47 24.00 8.07 7.93
N PRO A 48 24.79 9.16 8.06
CA PRO A 48 24.36 10.36 8.77
C PRO A 48 23.05 10.92 8.20
N VAL A 1 -9.12 9.97 29.76
CA VAL A 1 -8.35 10.97 29.03
C VAL A 1 -7.08 10.34 28.49
N ASN A 2 -7.13 9.04 28.20
CA ASN A 2 -5.97 8.32 27.67
C ASN A 2 -5.79 8.56 26.18
N TYR A 3 -5.01 9.58 25.83
CA TYR A 3 -4.73 9.90 24.43
C TYR A 3 -3.65 8.95 23.89
N GLY A 4 -4.06 7.88 23.22
CA GLY A 4 -3.10 6.91 22.70
C GLY A 4 -2.86 7.00 21.20
N ASN A 5 -3.78 6.41 20.43
CA ASN A 5 -3.67 6.38 18.98
C ASN A 5 -5.03 6.08 18.36
N GLY A 6 -6.03 6.87 18.75
CA GLY A 6 -7.38 6.68 18.25
C GLY A 6 -8.19 7.95 18.42
N VAL A 7 -7.81 8.98 17.68
CA VAL A 7 -8.47 10.27 17.73
C VAL A 7 -8.37 10.96 16.38
N SER A 8 -8.46 10.18 15.32
CA SER A 8 -8.37 10.70 13.95
C SER A 8 -8.57 9.57 12.95
N CYS A 9 -9.53 8.70 13.25
CA CYS A 9 -9.86 7.58 12.39
C CYS A 9 -8.64 6.71 12.07
N SER A 10 -7.71 6.64 13.02
CA SER A 10 -6.52 5.82 12.82
C SER A 10 -6.88 4.34 12.95
N LYS A 11 -7.11 3.93 14.19
CA LYS A 11 -7.47 2.54 14.47
C LYS A 11 -8.93 2.24 14.15
N THR A 12 -9.78 3.27 14.16
CA THR A 12 -11.19 3.10 13.87
C THR A 12 -11.49 3.21 12.38
N LYS A 13 -12.31 2.29 11.89
CA LYS A 13 -12.69 2.27 10.48
C LYS A 13 -13.80 3.28 10.19
N CYS A 14 -13.55 4.17 9.24
CA CYS A 14 -14.53 5.17 8.86
C CYS A 14 -15.38 4.69 7.68
N SER A 15 -14.75 4.00 6.74
CA SER A 15 -15.47 3.49 5.59
C SER A 15 -14.90 2.17 5.09
N VAL A 16 -15.80 1.27 4.73
CA VAL A 16 -15.45 -0.05 4.24
C VAL A 16 -14.97 0.02 2.81
N ASN A 17 -13.68 -0.09 2.64
CA ASN A 17 -13.07 -0.05 1.31
C ASN A 17 -11.90 -1.03 1.22
N TRP A 18 -12.07 -2.08 0.43
CA TRP A 18 -11.03 -3.08 0.27
C TRP A 18 -9.75 -2.45 -0.24
N GLY A 19 -9.88 -1.68 -1.32
CA GLY A 19 -8.72 -1.00 -1.89
C GLY A 19 -7.93 -0.21 -0.87
N GLN A 20 -8.62 0.62 -0.09
CA GLN A 20 -7.97 1.44 0.92
C GLN A 20 -7.29 0.58 1.99
N ALA A 21 -8.05 -0.32 2.62
CA ALA A 21 -7.51 -1.19 3.66
C ALA A 21 -6.31 -1.98 3.16
N PHE A 22 -6.53 -2.80 2.14
CA PHE A 22 -5.46 -3.64 1.61
C PHE A 22 -4.22 -2.86 1.25
N GLN A 23 -4.39 -1.62 0.80
CA GLN A 23 -3.24 -0.81 0.40
C GLN A 23 -2.55 -0.23 1.63
N GLU A 24 -3.36 0.20 2.59
CA GLU A 24 -2.83 0.74 3.83
C GLU A 24 -2.08 -0.35 4.59
N ARG A 25 -2.55 -1.58 4.39
CA ARG A 25 -1.97 -2.75 5.02
C ARG A 25 -0.70 -3.20 4.30
N TYR A 26 -0.81 -3.47 3.00
CA TYR A 26 0.31 -3.95 2.21
C TYR A 26 1.33 -2.84 1.90
N THR A 27 0.90 -1.76 1.25
CA THR A 27 1.81 -0.67 0.91
C THR A 27 2.59 -0.24 2.16
N ALA A 28 1.94 -0.31 3.32
CA ALA A 28 2.59 0.07 4.57
C ALA A 28 3.79 -0.83 4.87
N GLY A 29 3.55 -2.13 4.88
CA GLY A 29 4.61 -3.08 5.15
C GLY A 29 5.60 -3.18 4.00
N ILE A 30 5.07 -3.08 2.78
CA ILE A 30 5.89 -3.17 1.57
C ILE A 30 6.77 -1.93 1.40
N ASN A 31 6.25 -0.78 1.79
CA ASN A 31 7.01 0.45 1.69
C ASN A 31 8.26 0.36 2.55
N SER A 32 8.08 -0.03 3.80
CA SER A 32 9.20 -0.17 4.73
C SER A 32 10.24 -1.15 4.18
N PHE A 33 9.77 -2.27 3.65
CA PHE A 33 10.67 -3.28 3.08
C PHE A 33 11.63 -2.65 2.07
N VAL A 34 11.10 -1.72 1.27
CA VAL A 34 11.89 -1.02 0.27
C VAL A 34 13.06 -0.29 0.89
N SER A 35 12.77 0.64 1.77
CA SER A 35 13.81 1.41 2.43
C SER A 35 14.85 0.49 3.05
N GLY A 36 14.38 -0.58 3.69
CA GLY A 36 15.28 -1.54 4.32
C GLY A 36 16.23 -2.16 3.31
N VAL A 37 15.70 -2.55 2.16
CA VAL A 37 16.51 -3.17 1.11
C VAL A 37 17.27 -2.11 0.32
N ALA A 38 16.74 -0.89 0.31
CA ALA A 38 17.35 0.21 -0.41
C ALA A 38 18.63 0.69 0.27
N SER A 39 18.72 0.48 1.58
CA SER A 39 19.90 0.89 2.34
C SER A 39 21.16 0.18 1.84
N GLY A 40 20.98 -1.02 1.29
CA GLY A 40 22.11 -1.78 0.78
C GLY A 40 22.71 -2.70 1.82
N ALA A 41 21.86 -3.29 2.66
CA ALA A 41 22.32 -4.21 3.70
C ALA A 41 21.21 -5.15 4.14
N GLY A 42 20.23 -4.61 4.87
CA GLY A 42 19.12 -5.42 5.34
C GLY A 42 18.61 -4.97 6.69
N SER A 43 17.66 -4.04 6.69
CA SER A 43 17.10 -3.53 7.93
C SER A 43 16.42 -4.62 8.74
N ILE A 44 15.30 -5.13 8.22
CA ILE A 44 14.56 -6.18 8.91
C ILE A 44 15.43 -7.42 9.13
N GLY A 45 15.77 -8.09 8.04
CA GLY A 45 16.61 -9.27 8.13
C GLY A 45 16.03 -10.32 9.07
N ARG A 46 14.72 -10.30 9.25
CA ARG A 46 14.05 -11.25 10.13
C ARG A 46 13.52 -12.44 9.33
N ARG A 47 12.80 -12.13 8.26
CA ARG A 47 12.23 -13.17 7.39
C ARG A 47 12.44 -12.82 5.92
N PRO A 48 12.45 -13.83 5.03
CA PRO A 48 12.64 -13.62 3.60
C PRO A 48 11.45 -12.91 2.96
N VAL A 1 -23.75 -9.01 12.16
CA VAL A 1 -23.89 -8.41 13.47
C VAL A 1 -24.79 -9.27 14.34
N ASN A 2 -24.83 -8.98 15.65
CA ASN A 2 -25.65 -9.76 16.57
C ASN A 2 -25.92 -9.01 17.88
N TYR A 3 -25.90 -7.68 17.81
CA TYR A 3 -26.13 -6.85 19.01
C TYR A 3 -27.63 -6.73 19.32
N GLY A 4 -27.96 -6.10 20.45
CA GLY A 4 -29.36 -5.97 20.86
C GLY A 4 -29.81 -4.53 21.03
N ASN A 5 -28.91 -3.68 21.52
CA ASN A 5 -29.21 -2.28 21.73
C ASN A 5 -27.93 -1.47 21.88
N GLY A 6 -27.10 -1.56 20.86
CA GLY A 6 -25.83 -0.86 20.85
C GLY A 6 -25.30 -0.75 19.44
N VAL A 7 -25.04 -1.90 18.83
CA VAL A 7 -24.53 -1.95 17.46
C VAL A 7 -23.33 -1.04 17.28
N SER A 8 -22.15 -1.59 17.56
CA SER A 8 -20.91 -0.82 17.44
C SER A 8 -19.77 -1.71 16.95
N CYS A 9 -19.64 -1.81 15.64
CA CYS A 9 -18.57 -2.61 15.05
C CYS A 9 -17.21 -2.03 15.42
N SER A 10 -16.44 -2.79 16.18
CA SER A 10 -15.12 -2.36 16.61
C SER A 10 -14.36 -3.48 17.32
N LYS A 11 -15.08 -4.26 18.12
CA LYS A 11 -14.47 -5.37 18.84
C LYS A 11 -14.26 -6.55 17.91
N THR A 12 -15.32 -6.94 17.21
CA THR A 12 -15.26 -8.06 16.28
C THR A 12 -14.82 -7.57 14.89
N LYS A 13 -14.88 -8.46 13.90
CA LYS A 13 -14.49 -8.11 12.54
C LYS A 13 -15.62 -7.39 11.81
N CYS A 14 -15.33 -6.19 11.29
CA CYS A 14 -16.36 -5.42 10.59
C CYS A 14 -15.76 -4.46 9.57
N SER A 15 -15.96 -4.77 8.29
CA SER A 15 -15.47 -3.94 7.19
C SER A 15 -15.97 -4.46 5.85
N VAL A 16 -15.49 -3.85 4.78
CA VAL A 16 -15.88 -4.26 3.46
C VAL A 16 -14.94 -3.69 2.40
N ASN A 17 -14.59 -2.41 2.55
CA ASN A 17 -13.70 -1.74 1.62
C ASN A 17 -12.33 -2.38 1.68
N TRP A 18 -12.13 -3.36 0.81
CA TRP A 18 -10.89 -4.10 0.76
C TRP A 18 -9.73 -3.20 0.30
N GLY A 19 -9.98 -2.39 -0.72
CA GLY A 19 -8.95 -1.50 -1.26
C GLY A 19 -8.29 -0.62 -0.21
N GLN A 20 -9.07 0.22 0.46
CA GLN A 20 -8.53 1.13 1.47
C GLN A 20 -7.71 0.38 2.52
N ALA A 21 -8.21 -0.76 2.97
CA ALA A 21 -7.51 -1.56 3.96
C ALA A 21 -6.23 -2.16 3.39
N PHE A 22 -6.38 -3.00 2.38
CA PHE A 22 -5.23 -3.66 1.77
C PHE A 22 -4.14 -2.71 1.33
N GLN A 23 -4.50 -1.48 0.96
CA GLN A 23 -3.49 -0.53 0.48
C GLN A 23 -2.71 0.09 1.62
N GLU A 24 -3.38 0.34 2.73
CA GLU A 24 -2.75 0.92 3.90
C GLU A 24 -1.90 -0.14 4.60
N ARG A 25 -2.37 -1.37 4.54
CA ARG A 25 -1.69 -2.51 5.14
C ARG A 25 -0.49 -2.93 4.29
N TYR A 26 -0.77 -3.25 3.03
CA TYR A 26 0.23 -3.72 2.09
C TYR A 26 1.29 -2.67 1.74
N THR A 27 0.86 -1.53 1.20
CA THR A 27 1.81 -0.48 0.84
C THR A 27 2.68 -0.10 2.03
N ALA A 28 2.10 -0.11 3.22
CA ALA A 28 2.85 0.21 4.43
C ALA A 28 4.02 -0.76 4.61
N GLY A 29 3.76 -2.04 4.36
CA GLY A 29 4.80 -3.06 4.49
C GLY A 29 5.71 -3.13 3.28
N ILE A 30 5.11 -3.16 2.10
CA ILE A 30 5.86 -3.24 0.85
C ILE A 30 6.73 -2.01 0.67
N ASN A 31 6.31 -0.88 1.27
CA ASN A 31 7.07 0.35 1.17
C ASN A 31 8.29 0.30 2.08
N SER A 32 8.07 0.01 3.36
CA SER A 32 9.15 -0.06 4.33
C SER A 32 10.15 -1.16 3.97
N PHE A 33 9.64 -2.26 3.42
CA PHE A 33 10.50 -3.38 3.04
C PHE A 33 11.57 -2.93 2.05
N VAL A 34 11.20 -2.00 1.17
CA VAL A 34 12.12 -1.48 0.17
C VAL A 34 13.20 -0.63 0.80
N SER A 35 12.79 0.47 1.42
CA SER A 35 13.73 1.36 2.07
C SER A 35 14.64 0.60 3.03
N GLY A 36 14.06 -0.38 3.71
CA GLY A 36 14.84 -1.18 4.65
C GLY A 36 15.96 -1.91 3.95
N VAL A 37 15.66 -2.49 2.80
CA VAL A 37 16.65 -3.22 2.02
C VAL A 37 17.51 -2.26 1.21
N ALA A 38 16.94 -1.10 0.88
CA ALA A 38 17.65 -0.10 0.10
C ALA A 38 18.64 0.69 0.95
N SER A 39 18.42 0.70 2.26
CA SER A 39 19.29 1.42 3.19
C SER A 39 20.57 0.64 3.47
N GLY A 40 20.47 -0.69 3.45
CA GLY A 40 21.63 -1.53 3.70
C GLY A 40 21.74 -1.96 5.15
N ALA A 41 20.59 -2.12 5.80
CA ALA A 41 20.55 -2.55 7.20
C ALA A 41 21.14 -1.49 8.13
N GLY A 42 21.38 -0.30 7.60
CA GLY A 42 21.94 0.77 8.41
C GLY A 42 22.65 1.83 7.58
N SER A 43 21.92 2.45 6.65
CA SER A 43 22.49 3.49 5.80
C SER A 43 21.44 4.09 4.87
N ILE A 44 20.55 4.90 5.44
CA ILE A 44 19.49 5.55 4.67
C ILE A 44 20.05 6.60 3.71
N GLY A 45 20.98 7.41 4.19
CA GLY A 45 21.56 8.45 3.37
C GLY A 45 22.96 8.11 2.89
N ARG A 46 23.30 6.83 2.88
CA ARG A 46 24.62 6.39 2.45
C ARG A 46 25.73 7.10 3.23
N ARG A 47 25.50 7.25 4.54
CA ARG A 47 26.47 7.91 5.40
C ARG A 47 26.81 9.31 4.89
N PRO A 48 26.12 10.34 5.39
CA PRO A 48 26.35 11.72 4.97
C PRO A 48 27.61 12.31 5.61
N VAL A 1 -0.11 -3.10 -22.66
CA VAL A 1 -0.46 -2.83 -21.28
C VAL A 1 -1.24 -1.53 -21.18
N ASN A 2 -0.77 -0.62 -20.33
CA ASN A 2 -1.43 0.67 -20.12
C ASN A 2 -2.66 0.56 -19.22
N TYR A 3 -3.61 -0.27 -19.65
CA TYR A 3 -4.87 -0.44 -18.91
C TYR A 3 -5.72 0.82 -19.01
N GLY A 4 -5.33 1.85 -18.27
CA GLY A 4 -6.05 3.12 -18.30
C GLY A 4 -7.13 3.22 -17.24
N ASN A 5 -7.80 2.12 -16.96
CA ASN A 5 -8.87 2.12 -15.96
C ASN A 5 -9.20 0.70 -15.52
N GLY A 6 -8.18 -0.15 -15.50
CA GLY A 6 -8.36 -1.53 -15.08
C GLY A 6 -7.77 -1.77 -13.69
N VAL A 7 -6.58 -1.23 -13.45
CA VAL A 7 -5.92 -1.37 -12.15
C VAL A 7 -6.36 -0.25 -11.22
N SER A 8 -7.23 -0.57 -10.26
CA SER A 8 -7.71 0.42 -9.31
C SER A 8 -7.89 -0.21 -7.93
N CYS A 9 -8.88 0.26 -7.19
CA CYS A 9 -9.14 -0.26 -5.86
C CYS A 9 -9.54 -1.73 -5.93
N SER A 10 -10.30 -2.09 -6.97
CA SER A 10 -10.74 -3.47 -7.14
C SER A 10 -10.62 -3.91 -8.61
N LYS A 11 -10.42 -5.22 -8.81
CA LYS A 11 -10.26 -5.79 -10.16
C LYS A 11 -11.59 -5.95 -10.91
N THR A 12 -12.69 -5.65 -10.25
CA THR A 12 -13.99 -5.78 -10.89
C THR A 12 -14.97 -4.79 -10.28
N LYS A 13 -14.73 -3.52 -10.56
CA LYS A 13 -15.53 -2.44 -10.01
C LYS A 13 -15.19 -2.26 -8.55
N CYS A 14 -15.68 -1.20 -7.95
CA CYS A 14 -15.40 -0.94 -6.55
C CYS A 14 -16.72 -0.89 -5.79
N SER A 15 -17.47 -1.97 -5.91
CA SER A 15 -18.78 -2.10 -5.28
C SER A 15 -18.69 -2.67 -3.88
N VAL A 16 -17.56 -2.46 -3.24
CA VAL A 16 -17.35 -2.96 -1.89
C VAL A 16 -16.15 -2.28 -1.24
N ASN A 17 -16.35 -1.78 -0.03
CA ASN A 17 -15.30 -1.11 0.71
C ASN A 17 -14.18 -2.09 1.02
N TRP A 18 -13.32 -1.74 1.97
CA TRP A 18 -12.21 -2.60 2.36
C TRP A 18 -11.08 -2.53 1.32
N GLY A 19 -11.08 -1.46 0.53
CA GLY A 19 -10.05 -1.29 -0.48
C GLY A 19 -8.86 -0.50 0.02
N GLN A 20 -9.13 0.60 0.71
CA GLN A 20 -8.08 1.45 1.25
C GLN A 20 -7.29 0.71 2.32
N ALA A 21 -7.94 -0.24 2.99
CA ALA A 21 -7.30 -1.02 4.03
C ALA A 21 -6.07 -1.74 3.48
N PHE A 22 -6.31 -2.70 2.59
CA PHE A 22 -5.22 -3.47 2.00
C PHE A 22 -4.17 -2.58 1.35
N GLN A 23 -4.56 -1.40 0.91
CA GLN A 23 -3.62 -0.52 0.24
C GLN A 23 -2.67 0.15 1.23
N GLU A 24 -3.19 0.53 2.40
CA GLU A 24 -2.36 1.16 3.43
C GLU A 24 -1.54 0.10 4.15
N ARG A 25 -2.21 -1.00 4.49
CA ARG A 25 -1.57 -2.11 5.18
C ARG A 25 -0.44 -2.71 4.35
N TYR A 26 -0.78 -3.10 3.14
CA TYR A 26 0.15 -3.76 2.23
C TYR A 26 1.31 -2.88 1.81
N THR A 27 1.06 -1.60 1.62
CA THR A 27 2.14 -0.67 1.27
C THR A 27 3.12 -0.56 2.42
N ALA A 28 2.58 -0.42 3.63
CA ALA A 28 3.40 -0.31 4.81
C ALA A 28 4.40 -1.46 4.89
N GLY A 29 3.92 -2.67 4.59
CA GLY A 29 4.79 -3.83 4.63
C GLY A 29 5.67 -3.94 3.40
N ILE A 30 5.09 -3.71 2.23
CA ILE A 30 5.82 -3.79 0.97
C ILE A 30 6.76 -2.60 0.80
N ASN A 31 6.23 -1.39 0.93
CA ASN A 31 7.05 -0.19 0.80
C ASN A 31 8.21 -0.22 1.79
N SER A 32 7.92 -0.48 3.05
CA SER A 32 8.95 -0.54 4.08
C SER A 32 10.05 -1.51 3.69
N PHE A 33 9.66 -2.65 3.13
CA PHE A 33 10.61 -3.67 2.72
C PHE A 33 11.66 -3.09 1.75
N VAL A 34 11.21 -2.17 0.91
CA VAL A 34 12.09 -1.53 -0.06
C VAL A 34 12.99 -0.52 0.60
N SER A 35 12.39 0.48 1.22
CA SER A 35 13.15 1.51 1.92
C SER A 35 14.05 0.87 2.97
N GLY A 36 13.52 -0.16 3.64
CA GLY A 36 14.28 -0.85 4.65
C GLY A 36 15.55 -1.45 4.09
N VAL A 37 15.45 -2.05 2.91
CA VAL A 37 16.60 -2.65 2.25
C VAL A 37 17.42 -1.58 1.53
N ALA A 38 16.74 -0.53 1.11
CA ALA A 38 17.39 0.57 0.41
C ALA A 38 18.11 1.50 1.38
N SER A 39 17.68 1.48 2.63
CA SER A 39 18.29 2.31 3.67
C SER A 39 19.70 1.85 4.00
N GLY A 40 19.92 0.54 4.00
CA GLY A 40 21.23 -0.01 4.30
C GLY A 40 21.21 -1.02 5.44
N ALA A 41 20.03 -1.27 5.99
CA ALA A 41 19.89 -2.24 7.09
C ALA A 41 20.78 -1.85 8.27
N GLY A 42 21.15 -0.58 8.35
CA GLY A 42 22.00 -0.13 9.43
C GLY A 42 21.25 0.00 10.74
N SER A 43 20.54 1.12 10.90
CA SER A 43 19.78 1.37 12.11
C SER A 43 19.09 2.74 12.05
N ILE A 44 18.20 2.89 11.10
CA ILE A 44 17.46 4.14 10.92
C ILE A 44 15.96 3.92 11.06
N GLY A 45 15.48 2.82 10.49
CA GLY A 45 14.06 2.52 10.57
C GLY A 45 13.57 2.40 12.00
N ARG A 46 14.47 2.03 12.92
CA ARG A 46 14.12 1.89 14.32
C ARG A 46 13.06 0.80 14.50
N ARG A 47 13.46 -0.44 14.27
CA ARG A 47 12.56 -1.58 14.39
C ARG A 47 12.42 -2.02 15.84
N PRO A 48 13.54 -2.26 16.54
CA PRO A 48 13.52 -2.70 17.94
C PRO A 48 13.26 -1.54 18.89
N VAL A 1 -7.20 9.98 4.13
CA VAL A 1 -8.41 9.86 3.33
C VAL A 1 -9.63 9.82 4.23
N ASN A 2 -10.42 8.76 4.10
CA ASN A 2 -11.64 8.59 4.91
C ASN A 2 -12.76 9.49 4.41
N TYR A 3 -12.52 10.80 4.43
CA TYR A 3 -13.53 11.77 4.00
C TYR A 3 -14.75 11.74 4.91
N GLY A 4 -14.91 12.80 5.70
CA GLY A 4 -16.05 12.90 6.60
C GLY A 4 -17.02 13.97 6.16
N ASN A 5 -17.80 13.66 5.13
CA ASN A 5 -18.77 14.62 4.60
C ASN A 5 -19.79 13.92 3.72
N GLY A 6 -19.28 13.20 2.73
CA GLY A 6 -20.12 12.50 1.80
C GLY A 6 -19.66 12.75 0.39
N VAL A 7 -18.99 11.77 -0.19
CA VAL A 7 -18.50 11.89 -1.55
C VAL A 7 -19.59 11.44 -2.51
N SER A 8 -20.38 10.48 -2.05
CA SER A 8 -21.49 9.96 -2.83
C SER A 8 -21.05 9.57 -4.23
N CYS A 9 -21.03 8.27 -4.49
CA CYS A 9 -20.62 7.78 -5.80
C CYS A 9 -21.83 7.55 -6.68
N SER A 10 -21.60 7.31 -7.95
CA SER A 10 -22.68 7.06 -8.89
C SER A 10 -22.88 5.57 -9.10
N LYS A 11 -21.79 4.86 -9.39
CA LYS A 11 -21.84 3.42 -9.63
C LYS A 11 -21.97 2.58 -8.35
N THR A 12 -21.84 3.21 -7.18
CA THR A 12 -21.92 2.47 -5.90
C THR A 12 -20.96 1.29 -5.88
N LYS A 13 -19.72 1.53 -6.27
CA LYS A 13 -18.71 0.49 -6.29
C LYS A 13 -17.32 1.10 -6.26
N CYS A 14 -17.18 2.15 -5.47
CA CYS A 14 -15.91 2.86 -5.35
C CYS A 14 -15.05 2.25 -4.25
N SER A 15 -15.52 2.38 -3.01
CA SER A 15 -14.80 1.84 -1.86
C SER A 15 -15.54 0.64 -1.27
N VAL A 16 -14.93 0.00 -0.27
CA VAL A 16 -15.55 -1.16 0.38
C VAL A 16 -14.86 -1.46 1.69
N ASN A 17 -14.40 -0.41 2.36
CA ASN A 17 -13.71 -0.55 3.65
C ASN A 17 -12.37 -1.25 3.51
N TRP A 18 -12.41 -2.55 3.23
CA TRP A 18 -11.18 -3.34 3.08
C TRP A 18 -10.23 -2.71 2.07
N GLY A 19 -10.76 -1.89 1.16
CA GLY A 19 -9.93 -1.26 0.14
C GLY A 19 -8.80 -0.44 0.73
N GLN A 20 -9.15 0.60 1.48
CA GLN A 20 -8.16 1.49 2.08
C GLN A 20 -7.30 0.71 3.08
N ALA A 21 -7.90 -0.30 3.70
CA ALA A 21 -7.21 -1.13 4.67
C ALA A 21 -6.04 -1.89 4.03
N PHE A 22 -6.35 -2.80 3.11
CA PHE A 22 -5.31 -3.60 2.48
C PHE A 22 -4.21 -2.76 1.86
N GLN A 23 -4.56 -1.66 1.19
CA GLN A 23 -3.55 -0.83 0.53
C GLN A 23 -2.67 -0.14 1.54
N GLU A 24 -3.25 0.29 2.66
CA GLU A 24 -2.49 0.95 3.70
C GLU A 24 -1.62 -0.06 4.42
N ARG A 25 -2.10 -1.30 4.44
CA ARG A 25 -1.40 -2.40 5.09
C ARG A 25 -0.28 -2.94 4.20
N TYR A 26 -0.63 -3.32 2.98
CA TYR A 26 0.33 -3.91 2.03
C TYR A 26 1.29 -2.87 1.47
N THR A 27 0.75 -1.81 0.90
CA THR A 27 1.60 -0.77 0.33
C THR A 27 2.55 -0.21 1.37
N ALA A 28 2.17 -0.30 2.64
CA ALA A 28 3.02 0.19 3.71
C ALA A 28 4.14 -0.80 4.00
N GLY A 29 3.83 -2.09 3.84
CA GLY A 29 4.82 -3.13 4.08
C GLY A 29 5.74 -3.35 2.89
N ILE A 30 5.17 -3.38 1.69
CA ILE A 30 5.95 -3.60 0.47
C ILE A 30 6.89 -2.44 0.18
N ASN A 31 6.40 -1.23 0.38
CA ASN A 31 7.23 -0.05 0.15
C ASN A 31 8.28 0.07 1.24
N SER A 32 7.88 -0.19 2.47
CA SER A 32 8.80 -0.12 3.61
C SER A 32 9.88 -1.19 3.49
N PHE A 33 9.53 -2.33 2.90
CA PHE A 33 10.47 -3.42 2.73
C PHE A 33 11.68 -2.96 1.91
N VAL A 34 11.41 -2.15 0.88
CA VAL A 34 12.46 -1.62 0.02
C VAL A 34 13.33 -0.64 0.77
N SER A 35 12.74 0.46 1.22
CA SER A 35 13.49 1.46 1.97
C SER A 35 14.15 0.82 3.19
N GLY A 36 13.46 -0.15 3.79
CA GLY A 36 14.00 -0.82 4.95
C GLY A 36 15.29 -1.56 4.60
N VAL A 37 15.28 -2.24 3.46
CA VAL A 37 16.45 -2.98 3.01
C VAL A 37 17.46 -2.04 2.37
N ALA A 38 16.95 -0.93 1.82
CA ALA A 38 17.79 0.05 1.16
C ALA A 38 18.54 0.93 2.16
N SER A 39 18.01 1.02 3.38
CA SER A 39 18.65 1.83 4.42
C SER A 39 19.86 1.12 5.00
N GLY A 40 19.73 -0.17 5.23
CA GLY A 40 20.84 -0.94 5.79
C GLY A 40 21.83 -1.39 4.73
N ALA A 41 21.31 -1.96 3.65
CA ALA A 41 22.16 -2.45 2.56
C ALA A 41 22.77 -1.28 1.79
N GLY A 42 21.92 -0.46 1.20
CA GLY A 42 22.40 0.68 0.43
C GLY A 42 22.51 0.38 -1.05
N SER A 43 21.49 -0.27 -1.60
CA SER A 43 21.48 -0.62 -3.01
C SER A 43 21.59 0.64 -3.87
N ILE A 44 20.67 1.58 -3.65
CA ILE A 44 20.67 2.83 -4.42
C ILE A 44 19.70 3.85 -3.81
N GLY A 45 18.54 3.39 -3.38
CA GLY A 45 17.55 4.26 -2.76
C GLY A 45 17.19 5.51 -3.55
N ARG A 46 17.56 5.56 -4.83
CA ARG A 46 17.23 6.73 -5.66
C ARG A 46 16.38 6.33 -6.87
N ARG A 47 16.99 5.61 -7.80
CA ARG A 47 16.30 5.18 -9.01
C ARG A 47 16.05 3.67 -8.99
N PRO A 48 14.95 3.21 -9.61
CA PRO A 48 14.60 1.78 -9.65
C PRO A 48 15.53 1.00 -10.56
N VAL A 1 -30.23 11.94 -8.23
CA VAL A 1 -28.86 11.49 -8.16
C VAL A 1 -28.57 10.94 -6.78
N ASN A 2 -29.21 9.83 -6.42
CA ASN A 2 -29.03 9.21 -5.11
C ASN A 2 -29.44 7.76 -5.18
N TYR A 3 -28.83 6.93 -4.34
CA TYR A 3 -29.12 5.50 -4.32
C TYR A 3 -28.73 4.88 -2.97
N GLY A 4 -28.85 3.56 -2.87
CA GLY A 4 -28.52 2.88 -1.63
C GLY A 4 -28.13 1.42 -1.86
N ASN A 5 -27.43 1.17 -2.96
CA ASN A 5 -26.99 -0.18 -3.29
C ASN A 5 -25.89 -0.15 -4.34
N GLY A 6 -26.24 0.27 -5.56
CA GLY A 6 -25.26 0.34 -6.63
C GLY A 6 -25.73 -0.33 -7.91
N VAL A 7 -26.63 0.34 -8.63
CA VAL A 7 -27.16 -0.19 -9.88
C VAL A 7 -26.29 0.21 -11.06
N SER A 8 -25.01 -0.16 -11.00
CA SER A 8 -24.07 0.16 -12.07
C SER A 8 -23.92 1.68 -12.24
N CYS A 9 -22.69 2.14 -12.20
CA CYS A 9 -22.41 3.56 -12.37
C CYS A 9 -21.06 3.75 -13.06
N SER A 10 -19.98 3.82 -12.28
CA SER A 10 -18.64 4.01 -12.83
C SER A 10 -18.67 4.96 -14.01
N LYS A 11 -18.99 6.22 -13.73
CA LYS A 11 -19.07 7.26 -14.74
C LYS A 11 -19.01 8.66 -14.11
N THR A 12 -19.32 8.75 -12.82
CA THR A 12 -19.27 10.03 -12.09
C THR A 12 -18.96 9.82 -10.62
N LYS A 13 -19.22 8.61 -10.12
CA LYS A 13 -18.99 8.29 -8.72
C LYS A 13 -18.84 6.78 -8.54
N CYS A 14 -18.91 6.32 -7.31
CA CYS A 14 -18.76 4.89 -7.02
C CYS A 14 -17.30 4.47 -7.16
N SER A 15 -16.82 3.66 -6.22
CA SER A 15 -15.45 3.20 -6.29
C SER A 15 -15.15 2.13 -5.26
N VAL A 16 -13.94 1.61 -5.32
CA VAL A 16 -13.48 0.59 -4.40
C VAL A 16 -13.14 1.20 -3.03
N ASN A 17 -14.18 1.41 -2.23
CA ASN A 17 -14.04 2.03 -0.91
C ASN A 17 -13.05 1.26 -0.02
N TRP A 18 -12.87 -0.02 -0.29
CA TRP A 18 -11.96 -0.84 0.53
C TRP A 18 -10.55 -0.87 -0.07
N GLY A 19 -10.26 0.10 -0.95
CA GLY A 19 -8.94 0.18 -1.57
C GLY A 19 -7.87 0.67 -0.62
N GLN A 20 -8.25 1.56 0.30
CA GLN A 20 -7.29 2.11 1.26
C GLN A 20 -6.92 1.07 2.31
N ALA A 21 -7.85 0.18 2.63
CA ALA A 21 -7.60 -0.86 3.61
C ALA A 21 -6.43 -1.73 3.19
N PHE A 22 -6.63 -2.53 2.14
CA PHE A 22 -5.58 -3.41 1.67
C PHE A 22 -4.32 -2.67 1.29
N GLN A 23 -4.44 -1.44 0.80
CA GLN A 23 -3.27 -0.67 0.38
C GLN A 23 -2.52 -0.12 1.58
N GLU A 24 -3.26 0.28 2.60
CA GLU A 24 -2.66 0.82 3.82
C GLU A 24 -1.97 -0.31 4.58
N ARG A 25 -2.52 -1.50 4.45
CA ARG A 25 -2.01 -2.69 5.10
C ARG A 25 -0.79 -3.25 4.34
N TYR A 26 -1.02 -3.58 3.08
CA TYR A 26 0.00 -4.17 2.21
C TYR A 26 1.13 -3.21 1.87
N THR A 27 0.80 -2.08 1.25
CA THR A 27 1.81 -1.10 0.88
C THR A 27 2.65 -0.71 2.09
N ALA A 28 2.01 -0.61 3.25
CA ALA A 28 2.71 -0.25 4.47
C ALA A 28 3.86 -1.21 4.74
N GLY A 29 3.58 -2.51 4.67
CA GLY A 29 4.61 -3.51 4.92
C GLY A 29 5.63 -3.61 3.80
N ILE A 30 5.15 -3.79 2.57
CA ILE A 30 6.02 -3.93 1.40
C ILE A 30 6.86 -2.67 1.19
N ASN A 31 6.33 -1.52 1.58
CA ASN A 31 7.06 -0.27 1.40
C ASN A 31 8.25 -0.22 2.34
N SER A 32 8.02 -0.53 3.61
CA SER A 32 9.08 -0.53 4.61
C SER A 32 10.24 -1.43 4.17
N PHE A 33 9.92 -2.55 3.56
CA PHE A 33 10.94 -3.49 3.08
C PHE A 33 11.86 -2.80 2.07
N VAL A 34 11.27 -1.94 1.25
CA VAL A 34 12.01 -1.21 0.23
C VAL A 34 12.97 -0.20 0.83
N SER A 35 12.43 0.73 1.59
CA SER A 35 13.24 1.76 2.24
C SER A 35 14.47 1.17 2.90
N GLY A 36 14.26 0.19 3.78
CA GLY A 36 15.36 -0.45 4.47
C GLY A 36 16.28 -1.19 3.52
N VAL A 37 15.68 -1.99 2.64
CA VAL A 37 16.46 -2.77 1.68
C VAL A 37 17.18 -1.84 0.69
N ALA A 38 16.63 -0.64 0.52
CA ALA A 38 17.21 0.35 -0.38
C ALA A 38 18.40 1.06 0.25
N SER A 39 18.43 1.09 1.58
CA SER A 39 19.52 1.74 2.31
C SER A 39 20.87 1.16 1.91
N GLY A 40 20.88 -0.10 1.50
CA GLY A 40 22.13 -0.75 1.11
C GLY A 40 22.53 -1.85 2.06
N ALA A 41 21.55 -2.62 2.52
CA ALA A 41 21.81 -3.72 3.44
C ALA A 41 22.72 -4.76 2.81
N GLY A 42 22.49 -5.06 1.54
CA GLY A 42 23.29 -6.05 0.84
C GLY A 42 22.50 -7.26 0.43
N SER A 43 21.90 -7.21 -0.76
CA SER A 43 21.10 -8.32 -1.28
C SER A 43 20.72 -8.08 -2.74
N ILE A 44 20.17 -6.91 -3.01
CA ILE A 44 19.77 -6.55 -4.37
C ILE A 44 19.83 -5.04 -4.57
N GLY A 45 18.82 -4.32 -4.10
CA GLY A 45 18.80 -2.87 -4.24
C GLY A 45 18.87 -2.43 -5.69
N ARG A 46 18.37 -3.27 -6.59
CA ARG A 46 18.37 -2.95 -8.01
C ARG A 46 16.96 -3.14 -8.60
N ARG A 47 15.95 -2.88 -7.78
CA ARG A 47 14.55 -3.02 -8.21
C ARG A 47 13.96 -1.65 -8.53
N PRO A 48 13.13 -1.56 -9.58
CA PRO A 48 12.50 -0.30 -9.99
C PRO A 48 11.34 0.08 -9.06
N VAL A 1 -15.15 -22.14 -6.90
CA VAL A 1 -15.74 -20.83 -6.73
C VAL A 1 -16.68 -20.53 -7.89
N ASN A 2 -17.46 -19.45 -7.78
CA ASN A 2 -18.40 -19.07 -8.83
C ASN A 2 -18.82 -17.60 -8.67
N TYR A 3 -19.96 -17.22 -9.27
CA TYR A 3 -20.44 -15.83 -9.20
C TYR A 3 -19.43 -14.86 -9.82
N GLY A 4 -19.88 -13.64 -10.12
CA GLY A 4 -18.98 -12.65 -10.73
C GLY A 4 -19.71 -11.53 -11.44
N ASN A 5 -19.87 -10.40 -10.74
CA ASN A 5 -20.54 -9.22 -11.30
C ASN A 5 -22.03 -9.45 -11.41
N GLY A 6 -22.66 -9.70 -10.27
CA GLY A 6 -24.09 -9.94 -10.25
C GLY A 6 -24.53 -10.67 -9.00
N VAL A 7 -24.03 -10.21 -7.86
CA VAL A 7 -24.36 -10.81 -6.58
C VAL A 7 -24.30 -9.76 -5.47
N SER A 8 -24.52 -10.19 -4.23
CA SER A 8 -24.49 -9.29 -3.10
C SER A 8 -23.04 -9.06 -2.67
N CYS A 9 -22.83 -8.83 -1.38
CA CYS A 9 -21.48 -8.61 -0.86
C CYS A 9 -20.53 -9.68 -1.36
N SER A 10 -19.46 -9.25 -1.98
CA SER A 10 -18.46 -10.17 -2.53
C SER A 10 -17.10 -9.96 -1.89
N LYS A 11 -16.74 -8.69 -1.69
CA LYS A 11 -15.46 -8.34 -1.08
C LYS A 11 -15.50 -6.92 -0.56
N THR A 12 -15.37 -5.95 -1.47
CA THR A 12 -15.37 -4.54 -1.09
C THR A 12 -16.77 -3.93 -1.11
N LYS A 13 -17.62 -4.39 -2.02
CA LYS A 13 -18.97 -3.83 -2.13
C LYS A 13 -19.93 -4.37 -1.08
N CYS A 14 -19.90 -3.76 0.10
CA CYS A 14 -20.78 -4.15 1.19
C CYS A 14 -20.87 -3.02 2.21
N SER A 15 -19.80 -2.85 2.99
CA SER A 15 -19.75 -1.80 4.01
C SER A 15 -18.31 -1.40 4.29
N VAL A 16 -17.99 -0.12 4.11
CA VAL A 16 -16.64 0.38 4.37
C VAL A 16 -15.70 0.00 3.23
N ASN A 17 -14.94 0.97 2.74
CA ASN A 17 -14.02 0.71 1.63
C ASN A 17 -12.85 -0.16 2.09
N TRP A 18 -12.64 -1.26 1.38
CA TRP A 18 -11.55 -2.19 1.70
C TRP A 18 -10.29 -1.82 0.91
N GLY A 19 -10.47 -1.44 -0.35
CA GLY A 19 -9.34 -1.07 -1.20
C GLY A 19 -8.33 -0.19 -0.49
N GLN A 20 -8.82 0.87 0.15
CA GLN A 20 -7.94 1.79 0.87
C GLN A 20 -7.26 1.11 2.05
N ALA A 21 -7.98 0.20 2.69
CA ALA A 21 -7.46 -0.53 3.83
C ALA A 21 -6.30 -1.44 3.42
N PHE A 22 -6.62 -2.47 2.63
CA PHE A 22 -5.60 -3.41 2.18
C PHE A 22 -4.44 -2.74 1.48
N GLN A 23 -4.62 -1.51 1.03
CA GLN A 23 -3.54 -0.85 0.33
C GLN A 23 -2.56 -0.20 1.29
N GLU A 24 -3.10 0.49 2.28
CA GLU A 24 -2.27 1.16 3.28
C GLU A 24 -1.59 0.11 4.13
N ARG A 25 -2.30 -0.99 4.35
CA ARG A 25 -1.80 -2.10 5.14
C ARG A 25 -0.64 -2.80 4.43
N TYR A 26 -0.89 -3.24 3.19
CA TYR A 26 0.13 -3.95 2.43
C TYR A 26 1.30 -3.05 2.03
N THR A 27 1.03 -1.79 1.70
CA THR A 27 2.12 -0.88 1.36
C THR A 27 3.09 -0.75 2.53
N ALA A 28 2.53 -0.57 3.72
CA ALA A 28 3.35 -0.46 4.92
C ALA A 28 4.31 -1.64 5.01
N GLY A 29 3.81 -2.82 4.69
CA GLY A 29 4.64 -4.02 4.73
C GLY A 29 5.60 -4.10 3.56
N ILE A 30 5.07 -3.96 2.34
CA ILE A 30 5.89 -4.03 1.12
C ILE A 30 6.80 -2.81 0.98
N ASN A 31 6.23 -1.61 1.10
CA ASN A 31 7.00 -0.39 0.98
C ASN A 31 8.16 -0.40 1.97
N SER A 32 7.86 -0.67 3.24
CA SER A 32 8.89 -0.74 4.26
C SER A 32 10.05 -1.61 3.81
N PHE A 33 9.73 -2.76 3.24
CA PHE A 33 10.74 -3.70 2.75
C PHE A 33 11.73 -3.00 1.81
N VAL A 34 11.22 -2.05 1.03
CA VAL A 34 12.04 -1.31 0.08
C VAL A 34 12.97 -0.34 0.78
N SER A 35 12.38 0.61 1.49
CA SER A 35 13.17 1.59 2.22
C SER A 35 14.22 0.90 3.11
N GLY A 36 13.83 -0.21 3.71
CA GLY A 36 14.74 -0.95 4.56
C GLY A 36 15.96 -1.42 3.80
N VAL A 37 15.74 -1.93 2.59
CA VAL A 37 16.82 -2.40 1.74
C VAL A 37 17.49 -1.23 1.04
N ALA A 38 16.71 -0.19 0.78
CA ALA A 38 17.22 0.99 0.11
C ALA A 38 18.16 1.77 1.03
N SER A 39 17.91 1.67 2.34
CA SER A 39 18.73 2.35 3.33
C SER A 39 20.00 1.57 3.63
N GLY A 40 19.85 0.25 3.81
CA GLY A 40 21.01 -0.59 4.11
C GLY A 40 21.14 -1.78 3.17
N ALA A 41 20.98 -1.53 1.88
CA ALA A 41 21.08 -2.59 0.87
C ALA A 41 22.37 -3.40 1.04
N GLY A 42 23.40 -2.76 1.58
CA GLY A 42 24.67 -3.44 1.78
C GLY A 42 24.55 -4.66 2.69
N SER A 43 24.27 -4.41 3.96
CA SER A 43 24.14 -5.48 4.93
C SER A 43 25.42 -6.32 5.02
N ILE A 44 26.47 -5.70 5.56
CA ILE A 44 27.78 -6.34 5.74
C ILE A 44 28.21 -7.14 4.51
N GLY A 45 27.95 -6.61 3.32
CA GLY A 45 28.34 -7.29 2.10
C GLY A 45 29.85 -7.46 1.96
N ARG A 46 30.58 -6.36 2.04
CA ARG A 46 32.04 -6.38 1.90
C ARG A 46 32.72 -7.21 3.00
N ARG A 47 32.16 -7.19 4.20
CA ARG A 47 32.73 -7.94 5.32
C ARG A 47 34.19 -7.55 5.56
N PRO A 48 34.42 -6.53 6.42
CA PRO A 48 35.78 -6.06 6.73
C PRO A 48 36.68 -7.20 7.21
N VAL A 1 -4.94 19.91 7.04
CA VAL A 1 -4.10 20.83 6.29
C VAL A 1 -4.22 22.23 6.87
N ASN A 2 -4.01 23.23 6.01
CA ASN A 2 -4.08 24.62 6.44
C ASN A 2 -4.26 25.54 5.23
N TYR A 3 -4.75 24.98 4.13
CA TYR A 3 -4.97 25.75 2.91
C TYR A 3 -6.28 26.54 2.99
N GLY A 4 -6.87 26.81 1.83
CA GLY A 4 -8.12 27.55 1.78
C GLY A 4 -8.55 27.77 0.35
N ASN A 5 -9.04 26.71 -0.30
CA ASN A 5 -9.47 26.77 -1.69
C ASN A 5 -8.27 26.69 -2.61
N GLY A 6 -7.86 25.46 -2.92
CA GLY A 6 -6.72 25.27 -3.80
C GLY A 6 -5.81 24.14 -3.33
N VAL A 7 -6.10 22.92 -3.79
CA VAL A 7 -5.29 21.76 -3.42
C VAL A 7 -5.31 21.54 -1.91
N SER A 8 -5.83 20.39 -1.48
CA SER A 8 -5.91 20.06 -0.06
C SER A 8 -6.30 18.60 0.15
N CYS A 9 -5.56 17.93 1.02
CA CYS A 9 -5.81 16.54 1.35
C CYS A 9 -5.54 15.60 0.15
N SER A 10 -6.18 15.87 -0.97
CA SER A 10 -6.03 15.05 -2.18
C SER A 10 -6.44 13.60 -1.97
N LYS A 11 -7.50 13.40 -1.18
CA LYS A 11 -8.01 12.05 -0.90
C LYS A 11 -7.17 11.31 0.13
N THR A 12 -5.89 11.12 -0.18
CA THR A 12 -4.99 10.40 0.71
C THR A 12 -4.34 11.32 1.74
N LYS A 13 -5.15 11.86 2.65
CA LYS A 13 -4.63 12.74 3.69
C LYS A 13 -5.60 12.82 4.86
N CYS A 14 -6.84 13.18 4.58
CA CYS A 14 -7.86 13.30 5.62
C CYS A 14 -9.08 12.45 5.30
N SER A 15 -8.85 11.25 4.78
CA SER A 15 -9.94 10.35 4.43
C SER A 15 -9.58 8.90 4.74
N VAL A 16 -10.51 8.00 4.49
CA VAL A 16 -10.30 6.59 4.75
C VAL A 16 -11.32 5.73 4.01
N ASN A 17 -10.91 5.17 2.88
CA ASN A 17 -11.78 4.32 2.08
C ASN A 17 -11.32 2.86 2.16
N TRP A 18 -12.25 1.93 1.98
CA TRP A 18 -11.91 0.50 2.03
C TRP A 18 -10.65 0.21 1.24
N GLY A 19 -10.47 0.97 0.16
CA GLY A 19 -9.30 0.79 -0.68
C GLY A 19 -8.00 1.03 0.07
N GLN A 20 -7.89 2.19 0.69
CA GLN A 20 -6.69 2.55 1.44
C GLN A 20 -6.34 1.51 2.51
N ALA A 21 -7.34 0.74 2.94
CA ALA A 21 -7.13 -0.28 3.95
C ALA A 21 -6.17 -1.36 3.46
N PHE A 22 -6.63 -2.17 2.52
CA PHE A 22 -5.80 -3.24 1.99
C PHE A 22 -4.45 -2.73 1.53
N GLN A 23 -4.41 -1.50 1.05
CA GLN A 23 -3.17 -0.92 0.54
C GLN A 23 -2.27 -0.44 1.68
N GLU A 24 -2.86 0.29 2.61
CA GLU A 24 -2.11 0.81 3.74
C GLU A 24 -1.53 -0.35 4.54
N ARG A 25 -2.21 -1.47 4.45
CA ARG A 25 -1.79 -2.68 5.14
C ARG A 25 -0.69 -3.40 4.36
N TYR A 26 -0.99 -3.73 3.11
CA TYR A 26 -0.04 -4.46 2.25
C TYR A 26 1.07 -3.57 1.71
N THR A 27 0.72 -2.38 1.23
CA THR A 27 1.71 -1.45 0.70
C THR A 27 2.68 -1.04 1.80
N ALA A 28 2.16 -0.82 3.00
CA ALA A 28 2.99 -0.43 4.14
C ALA A 28 4.08 -1.47 4.41
N GLY A 29 3.68 -2.74 4.50
CA GLY A 29 4.63 -3.79 4.77
C GLY A 29 5.61 -4.03 3.63
N ILE A 30 5.09 -4.03 2.40
CA ILE A 30 5.93 -4.25 1.23
C ILE A 30 6.82 -3.04 0.95
N ASN A 31 6.23 -1.85 0.98
CA ASN A 31 6.97 -0.62 0.73
C ASN A 31 8.09 -0.44 1.74
N SER A 32 7.80 -0.76 2.99
CA SER A 32 8.81 -0.65 4.05
C SER A 32 10.02 -1.49 3.70
N PHE A 33 9.78 -2.74 3.31
CA PHE A 33 10.85 -3.65 2.91
C PHE A 33 11.82 -2.94 1.97
N VAL A 34 11.27 -2.13 1.06
CA VAL A 34 12.09 -1.42 0.08
C VAL A 34 12.90 -0.32 0.73
N SER A 35 12.22 0.69 1.25
CA SER A 35 12.90 1.81 1.90
C SER A 35 13.97 1.31 2.87
N GLY A 36 13.57 0.43 3.79
CA GLY A 36 14.51 -0.12 4.75
C GLY A 36 15.69 -0.81 4.07
N VAL A 37 15.38 -1.61 3.06
CA VAL A 37 16.40 -2.33 2.31
C VAL A 37 17.20 -1.36 1.43
N ALA A 38 16.57 -0.23 1.09
CA ALA A 38 17.20 0.79 0.26
C ALA A 38 18.15 1.67 1.08
N SER A 39 17.93 1.73 2.38
CA SER A 39 18.75 2.55 3.27
C SER A 39 20.17 2.01 3.36
N GLY A 40 20.32 0.69 3.25
CA GLY A 40 21.63 0.07 3.32
C GLY A 40 21.76 -0.91 4.46
N ALA A 41 20.67 -1.16 5.17
CA ALA A 41 20.66 -2.09 6.29
C ALA A 41 21.56 -1.62 7.42
N GLY A 42 21.95 -0.35 7.38
CA GLY A 42 22.81 0.21 8.42
C GLY A 42 23.12 1.67 8.21
N SER A 43 22.13 2.52 8.43
CA SER A 43 22.30 3.95 8.26
C SER A 43 22.35 4.68 9.61
N ILE A 44 21.88 4.00 10.67
CA ILE A 44 21.88 4.58 12.02
C ILE A 44 21.42 6.03 12.00
N GLY A 45 20.39 6.31 11.22
CA GLY A 45 19.86 7.65 11.12
C GLY A 45 18.36 7.68 10.91
N ARG A 46 17.62 7.10 11.85
CA ARG A 46 16.17 7.06 11.76
C ARG A 46 15.55 8.34 12.35
N ARG A 47 16.13 8.81 13.46
CA ARG A 47 15.66 10.02 14.16
C ARG A 47 14.13 10.18 14.11
N PRO A 48 13.44 9.92 15.23
CA PRO A 48 11.98 10.04 15.30
C PRO A 48 11.53 11.49 15.43
N VAL A 1 -20.91 8.32 -2.86
CA VAL A 1 -21.67 7.96 -4.05
C VAL A 1 -21.79 9.17 -4.97
N ASN A 2 -20.65 9.67 -5.41
CA ASN A 2 -20.61 10.81 -6.30
C ASN A 2 -19.25 10.86 -6.99
N TYR A 3 -19.15 10.25 -8.16
CA TYR A 3 -17.88 10.21 -8.88
C TYR A 3 -17.65 11.53 -9.61
N GLY A 4 -16.39 11.93 -9.68
CA GLY A 4 -16.04 13.20 -10.30
C GLY A 4 -15.76 14.26 -9.25
N ASN A 5 -16.83 14.89 -8.75
CA ASN A 5 -16.70 15.93 -7.73
C ASN A 5 -16.46 15.33 -6.34
N GLY A 6 -17.28 14.35 -5.98
CA GLY A 6 -17.16 13.72 -4.67
C GLY A 6 -15.76 13.20 -4.38
N VAL A 7 -15.38 12.15 -5.11
CA VAL A 7 -14.07 11.54 -4.92
C VAL A 7 -13.02 12.22 -5.80
N SER A 8 -11.94 12.66 -5.18
CA SER A 8 -10.86 13.34 -5.90
C SER A 8 -10.00 12.34 -6.66
N CYS A 9 -10.46 11.94 -7.85
CA CYS A 9 -9.73 10.98 -8.67
C CYS A 9 -8.39 11.55 -9.12
N SER A 10 -8.42 12.79 -9.58
CA SER A 10 -7.22 13.49 -10.03
C SER A 10 -6.45 12.70 -11.11
N LYS A 11 -5.60 11.76 -10.68
CA LYS A 11 -4.81 10.96 -11.62
C LYS A 11 -4.26 9.68 -10.98
N THR A 12 -4.11 9.68 -9.66
CA THR A 12 -3.61 8.50 -8.97
C THR A 12 -4.74 7.55 -8.62
N LYS A 13 -5.08 6.68 -9.58
CA LYS A 13 -6.17 5.72 -9.40
C LYS A 13 -7.42 6.39 -8.83
N CYS A 14 -8.43 5.59 -8.52
CA CYS A 14 -9.66 6.13 -7.97
C CYS A 14 -10.12 5.34 -6.75
N SER A 15 -11.41 5.43 -6.45
CA SER A 15 -11.98 4.74 -5.30
C SER A 15 -12.13 3.26 -5.59
N VAL A 16 -12.08 2.45 -4.54
CA VAL A 16 -12.20 1.01 -4.68
C VAL A 16 -12.46 0.37 -3.32
N ASN A 17 -13.44 -0.50 -3.27
CA ASN A 17 -13.79 -1.19 -2.02
C ASN A 17 -12.61 -2.04 -1.54
N TRP A 18 -12.39 -2.06 -0.23
CA TRP A 18 -11.29 -2.84 0.34
C TRP A 18 -9.97 -2.39 -0.28
N GLY A 19 -9.88 -1.11 -0.59
CA GLY A 19 -8.68 -0.55 -1.18
C GLY A 19 -7.89 0.26 -0.18
N GLN A 20 -8.59 1.06 0.60
CA GLN A 20 -7.93 1.89 1.61
C GLN A 20 -7.28 1.02 2.68
N ALA A 21 -7.98 -0.03 3.07
CA ALA A 21 -7.47 -0.97 4.07
C ALA A 21 -6.31 -1.78 3.51
N PHE A 22 -6.60 -2.60 2.50
CA PHE A 22 -5.58 -3.45 1.89
C PHE A 22 -4.38 -2.66 1.41
N GLN A 23 -4.58 -1.42 0.98
CA GLN A 23 -3.47 -0.62 0.46
C GLN A 23 -2.64 -0.07 1.59
N GLU A 24 -3.30 0.26 2.69
CA GLU A 24 -2.63 0.79 3.87
C GLU A 24 -1.88 -0.32 4.57
N ARG A 25 -2.41 -1.53 4.43
CA ARG A 25 -1.82 -2.72 5.02
C ARG A 25 -0.65 -3.24 4.19
N TYR A 26 -0.92 -3.53 2.93
CA TYR A 26 0.07 -4.08 2.01
C TYR A 26 1.17 -3.09 1.63
N THR A 27 0.78 -1.95 1.06
CA THR A 27 1.75 -0.94 0.66
C THR A 27 2.64 -0.55 1.83
N ALA A 28 2.03 -0.41 3.00
CA ALA A 28 2.78 -0.02 4.19
C ALA A 28 3.90 -1.01 4.48
N GLY A 29 3.60 -2.30 4.39
CA GLY A 29 4.59 -3.32 4.66
C GLY A 29 5.59 -3.52 3.53
N ILE A 30 5.08 -3.54 2.29
CA ILE A 30 5.94 -3.75 1.13
C ILE A 30 6.82 -2.53 0.85
N ASN A 31 6.33 -1.34 1.18
CA ASN A 31 7.10 -0.12 0.95
C ASN A 31 8.26 -0.03 1.94
N SER A 32 7.98 -0.30 3.20
CA SER A 32 9.01 -0.24 4.24
C SER A 32 10.11 -1.25 3.98
N PHE A 33 9.73 -2.42 3.46
CA PHE A 33 10.70 -3.48 3.16
C PHE A 33 11.75 -2.99 2.17
N VAL A 34 11.33 -2.15 1.24
CA VAL A 34 12.22 -1.61 0.22
C VAL A 34 13.21 -0.61 0.81
N SER A 35 12.68 0.48 1.33
CA SER A 35 13.51 1.51 1.93
C SER A 35 14.49 0.91 2.93
N GLY A 36 14.01 -0.08 3.68
CA GLY A 36 14.86 -0.74 4.67
C GLY A 36 16.06 -1.38 4.02
N VAL A 37 15.83 -2.07 2.91
CA VAL A 37 16.90 -2.73 2.17
C VAL A 37 17.66 -1.75 1.31
N ALA A 38 16.98 -0.67 0.90
CA ALA A 38 17.58 0.34 0.05
C ALA A 38 18.44 1.31 0.86
N SER A 39 18.21 1.39 2.16
CA SER A 39 18.97 2.29 3.02
C SER A 39 20.45 1.93 3.00
N GLY A 40 20.74 0.65 2.84
CA GLY A 40 22.13 0.20 2.82
C GLY A 40 22.33 -1.10 3.55
N ALA A 41 21.51 -2.09 3.21
CA ALA A 41 21.61 -3.40 3.85
C ALA A 41 22.88 -4.13 3.42
N GLY A 42 23.26 -3.95 2.16
CA GLY A 42 24.45 -4.59 1.64
C GLY A 42 25.63 -3.64 1.54
N SER A 43 25.36 -2.34 1.49
CA SER A 43 26.41 -1.34 1.39
C SER A 43 27.33 -1.39 2.62
N ILE A 44 26.75 -1.29 3.80
CA ILE A 44 27.52 -1.34 5.05
C ILE A 44 26.97 -2.39 6.00
N GLY A 45 25.65 -2.39 6.20
CA GLY A 45 25.03 -3.36 7.08
C GLY A 45 25.66 -3.39 8.46
N ARG A 46 26.28 -2.28 8.86
CA ARG A 46 26.92 -2.18 10.17
C ARG A 46 25.92 -1.75 11.24
N ARG A 47 25.12 -0.74 10.92
CA ARG A 47 24.13 -0.23 11.86
C ARG A 47 22.93 -1.18 11.96
N PRO A 48 22.36 -1.61 10.81
CA PRO A 48 21.22 -2.50 10.81
C PRO A 48 21.63 -3.96 11.06
N VAL A 1 -8.51 8.48 -12.61
CA VAL A 1 -8.58 7.16 -13.21
C VAL A 1 -7.30 6.87 -13.97
N ASN A 2 -7.30 5.81 -14.77
CA ASN A 2 -6.15 5.42 -15.54
C ASN A 2 -6.57 4.46 -16.64
N TYR A 3 -7.39 3.49 -16.25
CA TYR A 3 -7.90 2.47 -17.16
C TYR A 3 -9.08 2.99 -17.98
N GLY A 4 -9.25 4.31 -18.02
CA GLY A 4 -10.34 4.90 -18.77
C GLY A 4 -11.23 5.80 -17.93
N ASN A 5 -11.32 5.50 -16.64
CA ASN A 5 -12.17 6.29 -15.73
C ASN A 5 -13.62 5.92 -15.96
N GLY A 6 -13.95 4.66 -15.70
CA GLY A 6 -15.31 4.21 -15.92
C GLY A 6 -15.43 3.43 -17.22
N VAL A 7 -15.25 2.12 -17.13
CA VAL A 7 -15.31 1.27 -18.32
C VAL A 7 -15.82 -0.12 -17.96
N SER A 8 -15.33 -0.68 -16.86
CA SER A 8 -15.76 -1.99 -16.40
C SER A 8 -15.02 -2.41 -15.14
N CYS A 9 -15.76 -2.85 -14.13
CA CYS A 9 -15.16 -3.30 -12.88
C CYS A 9 -15.15 -4.82 -12.83
N SER A 10 -16.27 -5.41 -13.22
CA SER A 10 -16.42 -6.88 -13.24
C SER A 10 -16.27 -7.50 -11.84
N LYS A 11 -16.22 -6.67 -10.81
CA LYS A 11 -16.06 -7.16 -9.45
C LYS A 11 -17.36 -7.71 -8.85
N THR A 12 -18.38 -7.92 -9.68
CA THR A 12 -19.66 -8.45 -9.21
C THR A 12 -20.27 -7.57 -8.12
N LYS A 13 -19.78 -6.34 -8.02
CA LYS A 13 -20.28 -5.39 -7.03
C LYS A 13 -19.91 -3.96 -7.44
N CYS A 14 -18.71 -3.80 -7.98
CA CYS A 14 -18.23 -2.49 -8.42
C CYS A 14 -17.98 -1.58 -7.23
N SER A 15 -17.60 -2.19 -6.11
CA SER A 15 -17.32 -1.45 -4.89
C SER A 15 -16.75 -2.38 -3.82
N VAL A 16 -15.73 -1.91 -3.12
CA VAL A 16 -15.11 -2.70 -2.07
C VAL A 16 -14.24 -1.84 -1.17
N ASN A 17 -14.61 -1.76 0.11
CA ASN A 17 -13.86 -0.97 1.07
C ASN A 17 -12.53 -1.64 1.41
N TRP A 18 -12.53 -2.98 1.40
CA TRP A 18 -11.32 -3.73 1.71
C TRP A 18 -10.14 -3.26 0.85
N GLY A 19 -10.43 -2.80 -0.36
CA GLY A 19 -9.38 -2.32 -1.24
C GLY A 19 -8.59 -1.18 -0.64
N GLN A 20 -9.29 -0.23 -0.04
CA GLN A 20 -8.65 0.92 0.57
C GLN A 20 -7.76 0.49 1.74
N ALA A 21 -8.27 -0.44 2.54
CA ALA A 21 -7.52 -0.95 3.69
C ALA A 21 -6.26 -1.67 3.23
N PHE A 22 -6.41 -2.61 2.31
CA PHE A 22 -5.27 -3.37 1.82
C PHE A 22 -4.18 -2.50 1.24
N GLN A 23 -4.55 -1.33 0.74
CA GLN A 23 -3.58 -0.43 0.12
C GLN A 23 -2.67 0.19 1.19
N GLU A 24 -3.26 0.67 2.28
CA GLU A 24 -2.48 1.26 3.36
C GLU A 24 -1.72 0.17 4.11
N ARG A 25 -2.44 -0.88 4.46
CA ARG A 25 -1.86 -2.02 5.19
C ARG A 25 -0.67 -2.61 4.44
N TYR A 26 -0.95 -3.04 3.22
CA TYR A 26 0.04 -3.69 2.37
C TYR A 26 1.22 -2.80 2.01
N THR A 27 0.97 -1.50 1.90
CA THR A 27 2.06 -0.57 1.63
C THR A 27 2.99 -0.52 2.83
N ALA A 28 2.41 -0.43 4.02
CA ALA A 28 3.21 -0.39 5.24
C ALA A 28 4.24 -1.51 5.24
N GLY A 29 3.79 -2.72 4.88
CA GLY A 29 4.68 -3.87 4.85
C GLY A 29 5.66 -3.82 3.69
N ILE A 30 5.14 -3.66 2.47
CA ILE A 30 5.99 -3.61 1.28
C ILE A 30 6.87 -2.37 1.26
N ASN A 31 6.28 -1.20 1.50
CA ASN A 31 7.05 0.04 1.50
C ASN A 31 8.24 -0.07 2.45
N SER A 32 8.03 -0.71 3.60
CA SER A 32 9.09 -0.88 4.58
C SER A 32 10.24 -1.69 3.97
N PHE A 33 9.89 -2.76 3.27
CA PHE A 33 10.88 -3.62 2.63
C PHE A 33 11.78 -2.82 1.69
N VAL A 34 11.20 -1.81 1.06
CA VAL A 34 11.93 -0.97 0.12
C VAL A 34 12.97 -0.12 0.82
N SER A 35 12.51 0.72 1.73
CA SER A 35 13.41 1.59 2.48
C SER A 35 14.59 0.81 3.04
N GLY A 36 14.28 -0.20 3.85
CA GLY A 36 15.32 -1.02 4.45
C GLY A 36 16.24 -1.64 3.41
N VAL A 37 15.64 -2.27 2.41
CA VAL A 37 16.40 -2.91 1.34
C VAL A 37 17.10 -1.86 0.47
N ALA A 38 16.67 -0.60 0.58
CA ALA A 38 17.25 0.49 -0.19
C ALA A 38 18.56 0.96 0.44
N SER A 39 18.68 0.78 1.74
CA SER A 39 19.88 1.20 2.46
C SER A 39 21.10 0.41 1.99
N GLY A 40 20.88 -0.82 1.57
CA GLY A 40 21.97 -1.66 1.10
C GLY A 40 22.02 -1.77 -0.41
N ALA A 41 20.84 -1.86 -1.04
CA ALA A 41 20.77 -1.96 -2.50
C ALA A 41 19.59 -1.18 -3.04
N GLY A 42 18.38 -1.73 -2.90
CA GLY A 42 17.19 -1.04 -3.38
C GLY A 42 16.97 -1.23 -4.87
N SER A 43 17.46 -2.35 -5.41
CA SER A 43 17.30 -2.64 -6.83
C SER A 43 17.35 -4.14 -7.09
N ILE A 44 16.75 -4.91 -6.19
CA ILE A 44 16.73 -6.37 -6.31
C ILE A 44 15.30 -6.89 -6.46
N GLY A 45 14.43 -6.07 -7.04
CA GLY A 45 13.05 -6.46 -7.24
C GLY A 45 12.69 -6.65 -8.70
N ARG A 46 13.61 -7.23 -9.46
CA ARG A 46 13.38 -7.47 -10.89
C ARG A 46 13.44 -8.96 -11.19
N ARG A 47 14.38 -9.66 -10.57
CA ARG A 47 14.53 -11.09 -10.76
C ARG A 47 15.16 -11.75 -9.53
N PRO A 48 14.35 -12.47 -8.73
CA PRO A 48 14.85 -13.14 -7.52
C PRO A 48 15.70 -14.37 -7.85
N VAL A 1 6.79 2.08 -12.31
CA VAL A 1 5.36 2.12 -12.53
C VAL A 1 4.88 0.80 -13.13
N ASN A 2 3.59 0.71 -13.42
CA ASN A 2 3.01 -0.51 -13.99
C ASN A 2 1.65 -0.22 -14.63
N TYR A 3 1.17 1.02 -14.50
CA TYR A 3 -0.12 1.42 -15.05
C TYR A 3 -0.16 2.94 -15.19
N GLY A 4 -1.28 3.48 -15.68
CA GLY A 4 -1.39 4.92 -15.86
C GLY A 4 -2.81 5.40 -16.10
N ASN A 5 -3.45 4.84 -17.12
CA ASN A 5 -4.83 5.23 -17.45
C ASN A 5 -5.48 4.17 -18.33
N GLY A 6 -5.63 2.97 -17.79
CA GLY A 6 -6.25 1.88 -18.52
C GLY A 6 -6.89 0.87 -17.59
N VAL A 7 -6.24 0.62 -16.46
CA VAL A 7 -6.74 -0.33 -15.46
C VAL A 7 -7.68 0.37 -14.49
N SER A 8 -8.76 -0.29 -14.12
CA SER A 8 -9.74 0.29 -13.20
C SER A 8 -9.30 0.14 -11.75
N CYS A 9 -8.23 0.85 -11.39
CA CYS A 9 -7.71 0.79 -10.03
C CYS A 9 -6.64 1.85 -9.81
N SER A 10 -7.00 2.94 -9.17
CA SER A 10 -6.06 4.01 -8.90
C SER A 10 -5.18 3.64 -7.71
N LYS A 11 -5.46 4.20 -6.53
CA LYS A 11 -4.70 3.88 -5.34
C LYS A 11 -5.44 4.28 -4.07
N THR A 12 -6.76 4.11 -4.07
CA THR A 12 -7.57 4.47 -2.92
C THR A 12 -8.82 3.60 -2.80
N LYS A 13 -9.83 3.91 -3.63
CA LYS A 13 -11.09 3.16 -3.59
C LYS A 13 -10.99 1.86 -4.39
N CYS A 14 -10.65 1.96 -5.66
CA CYS A 14 -10.54 0.79 -6.51
C CYS A 14 -11.86 0.02 -6.56
N SER A 15 -11.95 -0.96 -7.44
CA SER A 15 -13.15 -1.76 -7.57
C SER A 15 -13.19 -2.86 -6.51
N VAL A 16 -12.00 -3.29 -6.08
CA VAL A 16 -11.88 -4.32 -5.07
C VAL A 16 -12.19 -3.75 -3.69
N ASN A 17 -13.35 -4.10 -3.18
CA ASN A 17 -13.80 -3.62 -1.87
C ASN A 17 -12.68 -3.67 -0.84
N TRP A 18 -11.81 -4.65 -0.96
CA TRP A 18 -10.67 -4.81 -0.03
C TRP A 18 -9.46 -4.02 -0.54
N GLY A 19 -9.71 -2.86 -1.13
CA GLY A 19 -8.63 -2.03 -1.64
C GLY A 19 -8.11 -1.05 -0.61
N GLN A 20 -9.04 -0.44 0.13
CA GLN A 20 -8.67 0.53 1.16
C GLN A 20 -7.86 -0.14 2.27
N ALA A 21 -8.30 -1.33 2.66
CA ALA A 21 -7.60 -2.10 3.69
C ALA A 21 -6.26 -2.60 3.18
N PHE A 22 -6.28 -3.35 2.09
CA PHE A 22 -5.08 -3.90 1.51
C PHE A 22 -4.06 -2.85 1.14
N GLN A 23 -4.47 -1.61 0.97
CA GLN A 23 -3.54 -0.56 0.57
C GLN A 23 -2.77 -0.04 1.77
N GLU A 24 -3.52 0.27 2.83
CA GLU A 24 -2.91 0.77 4.06
C GLU A 24 -2.04 -0.32 4.67
N ARG A 25 -2.42 -1.57 4.43
CA ARG A 25 -1.70 -2.72 4.94
C ARG A 25 -0.42 -2.98 4.13
N TYR A 26 -0.57 -3.04 2.81
CA TYR A 26 0.56 -3.33 1.91
C TYR A 26 1.47 -2.13 1.69
N THR A 27 0.92 -1.01 1.22
CA THR A 27 1.73 0.18 0.99
C THR A 27 2.49 0.58 2.25
N ALA A 28 2.01 0.15 3.40
CA ALA A 28 2.67 0.47 4.66
C ALA A 28 3.92 -0.39 4.84
N GLY A 29 3.72 -1.71 4.82
CA GLY A 29 4.83 -2.63 4.99
C GLY A 29 5.75 -2.63 3.78
N ILE A 30 5.16 -2.63 2.58
CA ILE A 30 5.93 -2.64 1.35
C ILE A 30 6.88 -1.45 1.29
N ASN A 31 6.35 -0.25 1.52
CA ASN A 31 7.18 0.96 1.50
C ASN A 31 8.42 0.76 2.37
N SER A 32 8.21 0.36 3.63
CA SER A 32 9.31 0.14 4.55
C SER A 32 10.20 -0.99 4.05
N PHE A 33 9.60 -2.00 3.44
CA PHE A 33 10.34 -3.14 2.92
C PHE A 33 11.42 -2.69 1.93
N VAL A 34 11.06 -1.68 1.12
CA VAL A 34 11.98 -1.13 0.13
C VAL A 34 13.18 -0.48 0.79
N SER A 35 12.94 0.49 1.63
CA SER A 35 14.01 1.18 2.33
C SER A 35 14.90 0.19 3.07
N GLY A 36 14.27 -0.79 3.72
CA GLY A 36 15.01 -1.79 4.45
C GLY A 36 15.96 -2.57 3.56
N VAL A 37 15.46 -3.00 2.41
CA VAL A 37 16.26 -3.75 1.45
C VAL A 37 17.20 -2.82 0.70
N ALA A 38 16.79 -1.56 0.56
CA ALA A 38 17.58 -0.57 -0.15
C ALA A 38 18.84 -0.18 0.63
N SER A 39 18.78 -0.34 1.95
CA SER A 39 19.92 0.00 2.81
C SER A 39 21.12 -0.89 2.51
N GLY A 40 20.85 -2.13 2.16
CA GLY A 40 21.92 -3.07 1.86
C GLY A 40 21.46 -4.52 1.95
N ALA A 41 20.40 -4.85 1.21
CA ALA A 41 19.87 -6.21 1.23
C ALA A 41 20.91 -7.21 0.74
N GLY A 42 21.77 -6.78 -0.17
CA GLY A 42 22.79 -7.66 -0.71
C GLY A 42 23.88 -8.01 0.29
N SER A 43 23.95 -7.24 1.39
CA SER A 43 24.96 -7.48 2.41
C SER A 43 24.85 -8.89 2.98
N ILE A 44 23.67 -9.23 3.51
CA ILE A 44 23.45 -10.56 4.10
C ILE A 44 22.11 -11.15 3.62
N GLY A 45 21.00 -10.57 4.06
CA GLY A 45 19.69 -11.05 3.64
C GLY A 45 19.10 -12.08 4.58
N ARG A 46 19.96 -12.94 5.13
CA ARG A 46 19.53 -13.99 6.05
C ARG A 46 18.70 -15.06 5.34
N ARG A 47 17.53 -14.65 4.85
CA ARG A 47 16.63 -15.56 4.15
C ARG A 47 16.25 -16.76 5.04
N PRO A 48 15.40 -16.54 6.06
CA PRO A 48 14.98 -17.62 6.97
C PRO A 48 13.96 -18.55 6.32
#